data_4IE2
#
_entry.id   4IE2
#
_cell.length_a   128.094
_cell.length_b   128.094
_cell.length_c   159.085
_cell.angle_alpha   90.00
_cell.angle_beta   90.00
_cell.angle_gamma   90.00
#
_symmetry.space_group_name_H-M   'P 42 21 2'
#
loop_
_entity.id
_entity.type
_entity.pdbx_description
1 polymer 'Arginase-2, mitochondrial'
2 non-polymer 'MANGANESE (II) ION'
3 non-polymer BENZAMIDINE
4 non-polymer BETA-MERCAPTOETHANOL
5 non-polymer [(5R)-5-amino-5-carboxy-8-hydroxyoctyl](trihydroxy)borate(1-)
6 water water
#
_entity_poly.entity_id   1
_entity_poly.type   'polypeptide(L)'
_entity_poly.pdbx_seq_one_letter_code
;HSVAVIGAPFSQGQKRKGVEHGPAAIREAGLMKRLSSLGCHLKDFGDLSFTPVPKDDLYNNLIVNPRSVGLANQELAEVV
SRAVSDGYSCVTLGGDHSLAIGTISGHARHCPDLCVVWVDAHADINTPLTTSSGNLHGQPVSFLLRELQDKVPQLPGFSW
IKPCISSASIVYIGLRDVDPPEHFILKNYDIQYFSMRDIDRLGIQKVMERTFDLLIGKRQRPIHLSFDIDAFDPTLAPAT
GTPVVGGLTYREGMYIAEEIHNTGLLSALDLVEVNPQLATSEEEAKTTANLAVDVIASSFGQTREG
;
_entity_poly.pdbx_strand_id   A,B,C
#
# COMPACT_ATOMS: atom_id res chain seq x y z
N HIS A 1 22.66 27.04 -5.99
CA HIS A 1 22.07 25.71 -6.13
C HIS A 1 21.80 25.36 -7.59
N SER A 2 22.78 24.72 -8.23
CA SER A 2 22.74 24.48 -9.66
C SER A 2 22.66 22.99 -9.98
N VAL A 3 21.93 22.66 -11.04
CA VAL A 3 21.72 21.27 -11.44
C VAL A 3 22.03 21.08 -12.92
N ALA A 4 22.89 20.10 -13.21
CA ALA A 4 23.17 19.68 -14.58
C ALA A 4 22.31 18.47 -14.91
N VAL A 5 21.73 18.47 -16.10
CA VAL A 5 20.94 17.33 -16.55
C VAL A 5 21.61 16.73 -17.77
N ILE A 6 21.96 15.45 -17.68
CA ILE A 6 22.58 14.74 -18.79
C ILE A 6 21.72 13.56 -19.17
N GLY A 7 21.32 13.50 -20.43
CA GLY A 7 20.61 12.33 -20.93
C GLY A 7 21.63 11.30 -21.40
N ALA A 8 21.54 10.08 -20.86
CA ALA A 8 22.42 9.00 -21.26
C ALA A 8 21.62 7.86 -21.88
N PRO A 9 21.27 8.00 -23.17
CA PRO A 9 20.37 7.04 -23.82
C PRO A 9 21.07 5.73 -24.19
N PHE A 10 21.46 4.98 -23.18
CA PHE A 10 22.20 3.75 -23.42
C PHE A 10 21.35 2.52 -23.14
N SER A 11 21.52 1.49 -23.97
CA SER A 11 20.73 0.28 -23.84
C SER A 11 21.59 -0.99 -23.85
N GLN A 12 22.87 -0.83 -24.13
CA GLN A 12 23.73 -1.99 -24.38
CA GLN A 12 23.74 -1.98 -24.38
C GLN A 12 24.25 -2.69 -23.11
N GLY A 13 23.84 -2.17 -21.96
CA GLY A 13 24.12 -2.86 -20.71
C GLY A 13 23.17 -4.04 -20.51
N GLN A 14 22.17 -4.14 -21.39
CA GLN A 14 21.16 -5.21 -21.31
C GLN A 14 20.60 -5.51 -22.71
N LYS A 15 19.60 -6.38 -22.80
CA LYS A 15 19.19 -6.87 -24.12
C LYS A 15 17.83 -6.35 -24.60
N ARG A 16 17.06 -5.71 -23.73
CA ARG A 16 15.73 -5.26 -24.13
C ARG A 16 15.74 -3.87 -24.78
N LYS A 17 15.19 -3.79 -25.99
CA LYS A 17 15.14 -2.53 -26.73
C LYS A 17 14.22 -1.51 -26.06
N GLY A 18 14.61 -0.23 -26.12
CA GLY A 18 13.71 0.83 -25.73
C GLY A 18 14.15 1.69 -24.56
N VAL A 19 14.99 1.14 -23.69
CA VAL A 19 15.43 1.86 -22.51
C VAL A 19 16.24 3.09 -22.91
N GLU A 20 16.74 3.11 -24.14
CA GLU A 20 17.44 4.30 -24.62
C GLU A 20 16.48 5.47 -24.81
N HIS A 21 15.17 5.22 -24.77
CA HIS A 21 14.19 6.30 -24.87
C HIS A 21 13.78 6.84 -23.50
N GLY A 22 14.36 6.30 -22.43
CA GLY A 22 14.13 6.80 -21.09
C GLY A 22 14.31 8.30 -20.92
N PRO A 23 15.46 8.84 -21.35
CA PRO A 23 15.70 10.28 -21.13
C PRO A 23 14.64 11.16 -21.78
N ALA A 24 14.33 10.93 -23.06
CA ALA A 24 13.28 11.68 -23.73
C ALA A 24 11.96 11.59 -22.96
N ALA A 25 11.62 10.38 -22.51
CA ALA A 25 10.35 10.18 -21.81
C ALA A 25 10.32 11.00 -20.52
N ILE A 26 11.42 10.97 -19.79
CA ILE A 26 11.49 11.69 -18.53
C ILE A 26 11.40 13.19 -18.76
N ARG A 27 12.10 13.67 -19.79
CA ARG A 27 12.03 15.08 -20.15
C ARG A 27 10.60 15.48 -20.54
N GLU A 28 9.94 14.66 -21.35
CA GLU A 28 8.58 14.90 -21.80
CA GLU A 28 8.58 14.96 -21.79
C GLU A 28 7.61 14.99 -20.61
N ALA A 29 7.92 14.25 -19.54
CA ALA A 29 7.10 14.31 -18.33
C ALA A 29 7.31 15.60 -17.52
N GLY A 30 8.09 16.54 -18.07
CA GLY A 30 8.18 17.87 -17.49
C GLY A 30 9.27 18.09 -16.45
N LEU A 31 10.36 17.32 -16.55
CA LEU A 31 11.44 17.40 -15.57
C LEU A 31 12.02 18.80 -15.37
N MET A 32 12.35 19.46 -16.48
CA MET A 32 13.07 20.73 -16.39
C MET A 32 12.26 21.82 -15.68
N LYS A 33 10.98 21.97 -16.02
CA LYS A 33 10.14 22.96 -15.32
C LYS A 33 10.03 22.64 -13.82
N ARG A 34 9.91 21.36 -13.48
CA ARG A 34 9.83 20.99 -12.07
C ARG A 34 11.09 21.38 -11.31
N LEU A 35 12.27 21.15 -11.91
CA LEU A 35 13.52 21.52 -11.23
C LEU A 35 13.63 23.04 -11.14
N SER A 36 13.29 23.73 -12.22
CA SER A 36 13.32 25.19 -12.23
CA SER A 36 13.32 25.18 -12.24
C SER A 36 12.46 25.77 -11.12
N SER A 37 11.24 25.27 -10.98
CA SER A 37 10.32 25.82 -9.99
CA SER A 37 10.29 25.75 -9.98
C SER A 37 10.84 25.65 -8.56
N LEU A 38 11.71 24.68 -8.34
CA LEU A 38 12.32 24.47 -7.03
C LEU A 38 13.42 25.48 -6.77
N GLY A 39 13.77 26.26 -7.80
CA GLY A 39 14.85 27.23 -7.67
C GLY A 39 16.19 26.73 -8.21
N CYS A 40 16.18 25.57 -8.86
CA CYS A 40 17.40 25.04 -9.45
C CYS A 40 17.81 25.83 -10.68
N HIS A 41 19.05 26.30 -10.70
CA HIS A 41 19.64 26.86 -11.91
C HIS A 41 20.11 25.70 -12.78
N LEU A 42 19.67 25.68 -14.03
CA LEU A 42 19.80 24.49 -14.87
C LEU A 42 20.78 24.61 -16.00
N LYS A 43 21.59 23.56 -16.17
CA LYS A 43 22.40 23.41 -17.35
C LYS A 43 22.02 22.08 -18.00
N ASP A 44 21.49 22.15 -19.22
CA ASP A 44 21.10 20.95 -19.91
C ASP A 44 22.19 20.57 -20.91
N PHE A 45 22.83 19.43 -20.69
CA PHE A 45 23.84 18.93 -21.61
C PHE A 45 23.20 18.18 -22.79
N GLY A 46 21.87 18.13 -22.81
CA GLY A 46 21.15 17.37 -23.82
C GLY A 46 21.38 15.87 -23.66
N ASP A 47 21.02 15.11 -24.69
CA ASP A 47 21.29 13.68 -24.71
C ASP A 47 22.60 13.39 -25.43
N LEU A 48 23.52 12.73 -24.73
CA LEU A 48 24.81 12.39 -25.33
C LEU A 48 24.68 11.38 -26.47
N SER A 49 25.57 11.50 -27.46
CA SER A 49 25.73 10.48 -28.49
C SER A 49 27.04 9.76 -28.21
N PHE A 50 26.98 8.48 -27.89
CA PHE A 50 28.20 7.75 -27.55
C PHE A 50 28.89 7.18 -28.78
N THR A 51 30.21 7.16 -28.74
CA THR A 51 30.98 6.61 -29.85
C THR A 51 30.77 5.10 -29.94
N PRO A 52 30.38 4.61 -31.13
CA PRO A 52 30.24 3.16 -31.29
C PRO A 52 31.61 2.51 -31.39
N VAL A 53 31.67 1.21 -31.10
CA VAL A 53 32.90 0.45 -31.19
C VAL A 53 32.71 -0.69 -32.20
N PRO A 54 33.53 -0.70 -33.28
CA PRO A 54 33.41 -1.74 -34.31
C PRO A 54 33.65 -3.12 -33.72
N LYS A 55 32.94 -4.13 -34.21
CA LYS A 55 33.24 -5.52 -33.89
C LYS A 55 33.29 -5.76 -32.38
N ASP A 56 32.30 -5.26 -31.65
CA ASP A 56 32.31 -5.38 -30.20
C ASP A 56 31.78 -6.76 -29.79
N ASP A 57 32.59 -7.79 -30.02
CA ASP A 57 32.21 -9.19 -29.79
C ASP A 57 31.98 -9.46 -28.31
N LEU A 58 31.19 -10.48 -28.00
CA LEU A 58 31.03 -10.95 -26.63
C LEU A 58 32.38 -11.14 -25.95
N TYR A 59 32.46 -10.78 -24.68
CA TYR A 59 33.64 -11.10 -23.89
C TYR A 59 33.42 -12.45 -23.24
N ASN A 60 34.37 -13.35 -23.42
CA ASN A 60 34.31 -14.68 -22.82
C ASN A 60 33.03 -15.47 -23.22
N ASN A 61 32.56 -15.27 -24.45
CA ASN A 61 31.35 -15.92 -24.95
C ASN A 61 30.14 -15.72 -24.04
N LEU A 62 30.08 -14.57 -23.36
CA LEU A 62 28.98 -14.34 -22.43
C LEU A 62 28.59 -12.87 -22.26
N ILE A 63 29.57 -12.03 -22.00
CA ILE A 63 29.29 -10.65 -21.66
C ILE A 63 29.08 -9.78 -22.91
N VAL A 64 27.93 -9.14 -22.98
CA VAL A 64 27.52 -8.49 -24.21
C VAL A 64 27.94 -7.02 -24.26
N ASN A 65 28.33 -6.58 -25.46
CA ASN A 65 28.72 -5.19 -25.74
C ASN A 65 29.73 -4.57 -24.74
N PRO A 66 30.78 -5.33 -24.38
CA PRO A 66 31.67 -4.79 -23.34
C PRO A 66 32.36 -3.48 -23.75
N ARG A 67 32.93 -3.43 -24.95
CA ARG A 67 33.63 -2.21 -25.37
C ARG A 67 32.70 -1.00 -25.53
N SER A 68 31.50 -1.22 -26.04
CA SER A 68 30.52 -0.15 -26.18
C SER A 68 30.13 0.41 -24.82
N VAL A 69 29.86 -0.49 -23.87
CA VAL A 69 29.52 -0.09 -22.51
C VAL A 69 30.69 0.63 -21.86
N GLY A 70 31.89 0.09 -22.05
CA GLY A 70 33.11 0.69 -21.53
C GLY A 70 33.33 2.10 -22.06
N LEU A 71 33.33 2.24 -23.39
CA LEU A 71 33.56 3.54 -24.00
C LEU A 71 32.47 4.56 -23.68
N ALA A 72 31.21 4.14 -23.74
CA ALA A 72 30.11 5.08 -23.46
C ALA A 72 30.25 5.63 -22.04
N ASN A 73 30.60 4.74 -21.11
CA ASN A 73 30.81 5.15 -19.72
C ASN A 73 32.02 6.07 -19.56
N GLN A 74 33.10 5.80 -20.30
CA GLN A 74 34.26 6.67 -20.24
C GLN A 74 33.87 8.07 -20.66
N GLU A 75 33.10 8.15 -21.75
CA GLU A 75 32.65 9.43 -22.26
C GLU A 75 31.68 10.09 -21.28
N LEU A 76 30.79 9.30 -20.69
CA LEU A 76 29.85 9.82 -19.69
C LEU A 76 30.58 10.38 -18.46
N ALA A 77 31.55 9.62 -17.95
CA ALA A 77 32.34 10.04 -16.80
C ALA A 77 33.00 11.40 -17.04
N GLU A 78 33.43 11.61 -18.28
CA GLU A 78 34.06 12.88 -18.65
C GLU A 78 33.08 14.03 -18.54
N VAL A 79 31.87 13.83 -19.05
CA VAL A 79 30.85 14.87 -18.96
C VAL A 79 30.46 15.12 -17.51
N VAL A 80 30.31 14.03 -16.75
CA VAL A 80 29.91 14.12 -15.34
C VAL A 80 30.97 14.83 -14.50
N SER A 81 32.23 14.42 -14.67
CA SER A 81 33.33 14.99 -13.90
C SER A 81 33.41 16.51 -14.12
N ARG A 82 33.26 16.90 -15.39
CA ARG A 82 33.32 18.30 -15.76
C ARG A 82 32.16 19.10 -15.15
N ALA A 83 30.95 18.56 -15.20
CA ALA A 83 29.82 19.28 -14.61
C ALA A 83 29.93 19.41 -13.08
N VAL A 84 30.36 18.35 -12.41
CA VAL A 84 30.55 18.42 -10.96
C VAL A 84 31.65 19.43 -10.63
N SER A 85 32.73 19.42 -11.40
CA SER A 85 33.84 20.33 -11.14
C SER A 85 33.41 21.80 -11.33
N ASP A 86 32.44 22.05 -12.22
CA ASP A 86 31.93 23.41 -12.41
C ASP A 86 30.81 23.78 -11.42
N GLY A 87 30.58 22.95 -10.42
CA GLY A 87 29.65 23.31 -9.35
C GLY A 87 28.21 22.84 -9.47
N TYR A 88 27.94 21.96 -10.42
CA TYR A 88 26.58 21.42 -10.56
C TYR A 88 26.38 20.09 -9.81
N SER A 89 25.21 19.95 -9.18
CA SER A 89 24.71 18.62 -8.82
C SER A 89 24.30 18.01 -10.14
N CYS A 90 24.69 16.76 -10.37
CA CYS A 90 24.54 16.16 -11.69
CA CYS A 90 24.53 16.15 -11.69
C CYS A 90 23.44 15.10 -11.75
N VAL A 91 22.40 15.38 -12.55
CA VAL A 91 21.32 14.42 -12.76
C VAL A 91 21.51 13.69 -14.08
N THR A 92 21.73 12.39 -14.00
CA THR A 92 21.87 11.60 -15.22
C THR A 92 20.63 10.75 -15.47
N LEU A 93 20.02 10.92 -16.64
CA LEU A 93 18.83 10.16 -17.01
C LEU A 93 19.20 8.97 -17.90
N GLY A 94 18.81 7.77 -17.49
CA GLY A 94 19.07 6.58 -18.30
C GLY A 94 17.86 6.16 -19.13
N GLY A 95 18.03 5.11 -19.94
CA GLY A 95 19.28 4.36 -20.02
C GLY A 95 19.34 3.26 -18.96
N ASP A 96 20.08 2.19 -19.27
CA ASP A 96 20.19 1.06 -18.34
C ASP A 96 21.22 1.34 -17.25
N HIS A 97 21.20 0.56 -16.17
CA HIS A 97 22.01 0.89 -15.00
C HIS A 97 23.53 0.72 -15.18
N SER A 98 23.98 0.25 -16.33
CA SER A 98 25.43 0.14 -16.53
C SER A 98 26.05 1.55 -16.60
N LEU A 99 25.24 2.57 -16.84
CA LEU A 99 25.80 3.91 -16.94
C LEU A 99 26.23 4.48 -15.58
N ALA A 100 25.83 3.84 -14.48
CA ALA A 100 26.33 4.22 -13.16
C ALA A 100 27.84 4.00 -13.05
N ILE A 101 28.39 3.10 -13.86
CA ILE A 101 29.84 2.95 -13.90
C ILE A 101 30.46 4.29 -14.26
N GLY A 102 29.88 4.95 -15.27
CA GLY A 102 30.37 6.25 -15.71
C GLY A 102 30.01 7.42 -14.82
N THR A 103 28.78 7.45 -14.28
CA THR A 103 28.40 8.58 -13.44
C THR A 103 29.12 8.57 -12.10
N ILE A 104 29.28 7.39 -11.52
CA ILE A 104 30.01 7.29 -10.25
C ILE A 104 31.52 7.49 -10.42
N SER A 105 32.09 6.91 -11.48
CA SER A 105 33.50 7.14 -11.77
C SER A 105 33.75 8.63 -11.99
N GLY A 106 32.89 9.28 -12.76
CA GLY A 106 33.05 10.69 -13.09
C GLY A 106 32.86 11.60 -11.88
N HIS A 107 31.88 11.26 -11.04
CA HIS A 107 31.60 11.98 -9.82
C HIS A 107 32.78 11.82 -8.87
N ALA A 108 33.26 10.59 -8.71
CA ALA A 108 34.37 10.34 -7.80
C ALA A 108 35.65 11.06 -8.25
N ARG A 109 35.79 11.23 -9.56
CA ARG A 109 36.95 11.93 -10.12
C ARG A 109 37.07 13.35 -9.52
N HIS A 110 35.95 13.98 -9.20
CA HIS A 110 36.02 15.28 -8.54
C HIS A 110 35.78 15.23 -7.04
N CYS A 111 35.00 14.25 -6.58
CA CYS A 111 34.64 14.15 -5.17
C CYS A 111 34.98 12.76 -4.65
N PRO A 112 36.26 12.51 -4.37
CA PRO A 112 36.67 11.13 -4.03
C PRO A 112 36.10 10.58 -2.72
N ASP A 113 35.66 11.41 -1.78
CA ASP A 113 35.08 10.87 -0.54
C ASP A 113 33.56 10.67 -0.64
N LEU A 114 33.05 10.61 -1.87
CA LEU A 114 31.61 10.40 -2.06
C LEU A 114 31.12 9.08 -1.46
N CYS A 115 29.82 9.02 -1.19
CA CYS A 115 29.20 7.78 -0.76
C CYS A 115 27.97 7.58 -1.63
N VAL A 116 27.43 6.36 -1.62
CA VAL A 116 26.45 5.96 -2.62
C VAL A 116 25.21 5.34 -1.97
N VAL A 117 24.04 5.89 -2.30
CA VAL A 117 22.79 5.25 -1.93
C VAL A 117 22.22 4.64 -3.20
N TRP A 118 22.06 3.31 -3.18
CA TRP A 118 21.67 2.55 -4.37
C TRP A 118 20.26 1.99 -4.15
N VAL A 119 19.28 2.59 -4.81
CA VAL A 119 17.87 2.23 -4.61
C VAL A 119 17.40 1.37 -5.78
N ASP A 120 17.06 0.12 -5.49
CA ASP A 120 16.97 -0.86 -6.57
C ASP A 120 16.35 -2.15 -6.02
N ALA A 121 15.65 -2.90 -6.89
CA ALA A 121 15.16 -4.22 -6.52
C ALA A 121 16.32 -5.20 -6.51
N HIS A 122 17.42 -4.78 -7.13
CA HIS A 122 18.55 -5.65 -7.44
C HIS A 122 19.85 -5.07 -6.88
N ALA A 123 20.82 -5.94 -6.60
CA ALA A 123 22.09 -5.50 -6.04
C ALA A 123 23.07 -5.05 -7.12
N ASP A 124 22.90 -5.52 -8.35
CA ASP A 124 23.73 -5.04 -9.47
C ASP A 124 25.24 -5.20 -9.21
N ILE A 125 25.62 -6.25 -8.48
CA ILE A 125 26.99 -6.43 -8.00
C ILE A 125 27.57 -7.77 -8.47
N ASN A 126 26.91 -8.42 -9.43
CA ASN A 126 27.53 -9.57 -10.08
C ASN A 126 28.84 -9.12 -10.71
N THR A 127 29.79 -10.04 -10.82
CA THR A 127 31.01 -9.77 -11.56
C THR A 127 30.97 -10.53 -12.89
N PRO A 128 31.96 -10.28 -13.77
CA PRO A 128 32.02 -11.08 -15.00
C PRO A 128 32.10 -12.58 -14.77
N LEU A 129 32.48 -13.00 -13.57
CA LEU A 129 32.58 -14.43 -13.24
C LEU A 129 31.33 -14.96 -12.57
N THR A 130 30.42 -14.08 -12.15
CA THR A 130 29.21 -14.56 -11.48
C THR A 130 27.94 -14.33 -12.30
N THR A 131 27.98 -13.36 -13.20
CA THR A 131 26.80 -13.05 -14.01
C THR A 131 26.31 -14.29 -14.76
N SER A 132 24.99 -14.47 -14.76
CA SER A 132 24.41 -15.61 -15.47
C SER A 132 23.67 -15.12 -16.71
N SER A 133 23.66 -13.80 -16.90
CA SER A 133 22.95 -13.18 -18.03
C SER A 133 23.94 -12.57 -19.02
N GLY A 134 25.09 -12.13 -18.52
CA GLY A 134 26.04 -11.42 -19.37
C GLY A 134 25.69 -9.96 -19.54
N ASN A 135 24.63 -9.50 -18.86
CA ASN A 135 24.24 -8.11 -19.00
C ASN A 135 24.97 -7.20 -18.01
N LEU A 136 25.70 -6.22 -18.55
CA LEU A 136 26.48 -5.33 -17.70
C LEU A 136 25.67 -4.44 -16.75
N HIS A 137 24.39 -4.18 -17.06
CA HIS A 137 23.55 -3.39 -16.13
C HIS A 137 23.35 -4.12 -14.79
N GLY A 138 23.71 -5.40 -14.76
CA GLY A 138 23.57 -6.19 -13.54
C GLY A 138 24.90 -6.40 -12.84
N GLN A 139 25.94 -5.72 -13.33
CA GLN A 139 27.27 -5.83 -12.74
C GLN A 139 27.97 -4.52 -12.34
N PRO A 140 27.29 -3.35 -12.44
CA PRO A 140 28.14 -2.15 -12.39
C PRO A 140 28.87 -1.94 -11.08
N VAL A 141 28.26 -2.34 -9.95
CA VAL A 141 28.89 -2.11 -8.66
C VAL A 141 30.21 -2.89 -8.55
N SER A 142 30.29 -4.05 -9.20
CA SER A 142 31.52 -4.86 -9.11
C SER A 142 32.77 -4.13 -9.63
N PHE A 143 32.58 -3.24 -10.59
CA PHE A 143 33.70 -2.50 -11.18
C PHE A 143 34.12 -1.30 -10.34
N LEU A 144 33.27 -0.92 -9.39
CA LEU A 144 33.46 0.31 -8.63
C LEU A 144 34.00 0.01 -7.23
N LEU A 145 33.72 -1.19 -6.74
CA LEU A 145 34.07 -1.57 -5.38
C LEU A 145 35.53 -1.98 -5.23
N ARG A 146 36.30 -1.20 -4.46
CA ARG A 146 37.72 -1.47 -4.24
C ARG A 146 37.99 -2.90 -3.76
N GLU A 147 37.27 -3.33 -2.72
CA GLU A 147 37.48 -4.64 -2.12
C GLU A 147 37.29 -5.81 -3.09
N LEU A 148 36.60 -5.58 -4.21
CA LEU A 148 36.33 -6.66 -5.16
C LEU A 148 37.37 -6.79 -6.27
N GLN A 149 38.34 -5.88 -6.30
CA GLN A 149 39.27 -5.74 -7.44
C GLN A 149 39.85 -7.06 -7.94
N ASP A 150 40.38 -7.85 -7.01
CA ASP A 150 41.12 -9.06 -7.36
C ASP A 150 40.20 -10.18 -7.87
N LYS A 151 38.89 -10.00 -7.73
CA LYS A 151 37.93 -11.00 -8.17
C LYS A 151 37.31 -10.60 -9.50
N VAL A 152 37.68 -9.44 -10.00
CA VAL A 152 37.03 -8.89 -11.18
C VAL A 152 38.01 -8.82 -12.35
N PRO A 153 37.79 -9.67 -13.37
CA PRO A 153 38.71 -9.67 -14.52
C PRO A 153 38.64 -8.36 -15.29
N GLN A 154 39.67 -8.11 -16.08
CA GLN A 154 39.76 -6.90 -16.89
C GLN A 154 39.01 -7.12 -18.21
N LEU A 155 38.01 -6.28 -18.48
CA LEU A 155 37.23 -6.39 -19.70
C LEU A 155 37.72 -5.39 -20.75
N PRO A 156 37.58 -5.73 -22.04
CA PRO A 156 37.99 -4.80 -23.09
C PRO A 156 37.13 -3.54 -23.04
N GLY A 157 37.79 -2.39 -23.03
CA GLY A 157 37.10 -1.11 -22.94
C GLY A 157 36.99 -0.59 -21.52
N PHE A 158 37.40 -1.40 -20.54
CA PHE A 158 37.24 -1.05 -19.12
C PHE A 158 38.52 -0.60 -18.40
N SER A 159 39.67 -0.67 -19.08
CA SER A 159 40.94 -0.39 -18.40
C SER A 159 41.02 0.99 -17.75
N TRP A 160 40.30 1.98 -18.31
CA TRP A 160 40.28 3.33 -17.73
C TRP A 160 39.66 3.39 -16.34
N ILE A 161 38.92 2.34 -15.96
CA ILE A 161 38.16 2.37 -14.71
C ILE A 161 39.01 2.13 -13.46
N LYS A 162 38.97 3.08 -12.54
CA LYS A 162 39.60 2.93 -11.23
C LYS A 162 38.51 2.76 -10.18
N PRO A 163 38.44 1.56 -9.56
CA PRO A 163 37.50 1.32 -8.46
C PRO A 163 37.63 2.45 -7.43
N CYS A 164 36.51 3.03 -7.00
CA CYS A 164 36.57 4.30 -6.27
C CYS A 164 35.72 4.32 -4.99
N ILE A 165 34.97 3.25 -4.78
CA ILE A 165 34.08 3.15 -3.63
C ILE A 165 34.55 2.01 -2.76
N SER A 166 34.64 2.23 -1.45
CA SER A 166 34.89 1.12 -0.55
C SER A 166 33.55 0.52 -0.17
N SER A 167 33.57 -0.73 0.26
CA SER A 167 32.35 -1.46 0.54
C SER A 167 31.52 -0.83 1.66
N ALA A 168 32.12 0.03 2.47
CA ALA A 168 31.40 0.64 3.58
C ALA A 168 30.77 1.95 3.13
N SER A 169 31.03 2.33 1.88
CA SER A 169 30.56 3.60 1.36
C SER A 169 29.32 3.49 0.45
N ILE A 170 28.73 2.29 0.39
CA ILE A 170 27.50 2.12 -0.37
C ILE A 170 26.46 1.42 0.51
N VAL A 171 25.22 1.90 0.42
CA VAL A 171 24.12 1.25 1.11
C VAL A 171 23.01 1.03 0.09
N TYR A 172 22.45 -0.17 0.05
CA TYR A 172 21.33 -0.48 -0.83
C TYR A 172 20.01 -0.34 -0.10
N ILE A 173 18.99 0.15 -0.81
CA ILE A 173 17.63 0.14 -0.28
C ILE A 173 16.66 -0.42 -1.31
N GLY A 174 15.88 -1.43 -0.92
CA GLY A 174 14.79 -1.94 -1.75
C GLY A 174 14.98 -3.34 -2.31
N LEU A 175 16.05 -4.01 -1.89
CA LEU A 175 16.45 -5.28 -2.49
C LEU A 175 15.39 -6.37 -2.33
N ARG A 176 15.13 -7.10 -3.41
CA ARG A 176 14.18 -8.21 -3.33
C ARG A 176 14.43 -9.26 -4.41
N ASP A 177 15.42 -9.02 -5.27
CA ASP A 177 15.74 -10.02 -6.29
C ASP A 177 17.26 -10.18 -6.46
N VAL A 178 17.87 -10.96 -5.58
CA VAL A 178 19.32 -10.97 -5.45
C VAL A 178 19.84 -12.35 -5.81
N ASP A 179 20.79 -12.41 -6.74
CA ASP A 179 21.35 -13.72 -7.14
C ASP A 179 22.23 -14.25 -6.02
N PRO A 180 22.31 -15.59 -5.88
CA PRO A 180 23.13 -16.17 -4.80
C PRO A 180 24.59 -15.70 -4.74
N PRO A 181 25.31 -15.60 -5.88
CA PRO A 181 26.66 -15.01 -5.72
C PRO A 181 26.62 -13.53 -5.31
N GLU A 182 25.55 -12.81 -5.62
CA GLU A 182 25.47 -11.44 -5.16
C GLU A 182 25.28 -11.44 -3.65
N HIS A 183 24.45 -12.36 -3.16
CA HIS A 183 24.22 -12.48 -1.72
C HIS A 183 25.53 -12.81 -1.01
N PHE A 184 26.31 -13.72 -1.59
CA PHE A 184 27.60 -14.07 -1.00
C PHE A 184 28.49 -12.83 -0.93
N ILE A 185 28.56 -12.08 -2.03
CA ILE A 185 29.38 -10.88 -2.05
C ILE A 185 28.94 -9.88 -0.98
N LEU A 186 27.63 -9.66 -0.86
CA LEU A 186 27.12 -8.69 0.11
C LEU A 186 27.51 -9.07 1.54
N LYS A 187 27.39 -10.35 1.86
CA LYS A 187 27.77 -10.87 3.17
C LYS A 187 29.29 -10.89 3.35
N ASN A 188 29.99 -11.47 2.39
CA ASN A 188 31.45 -11.60 2.52
C ASN A 188 32.19 -10.27 2.66
N TYR A 189 31.68 -9.20 2.06
CA TYR A 189 32.33 -7.90 2.20
C TYR A 189 31.62 -6.96 3.19
N ASP A 190 30.67 -7.53 3.93
CA ASP A 190 29.91 -6.80 4.93
C ASP A 190 29.30 -5.51 4.35
N ILE A 191 28.72 -5.63 3.16
CA ILE A 191 28.06 -4.49 2.52
C ILE A 191 26.65 -4.35 3.07
N GLN A 192 26.31 -3.14 3.52
CA GLN A 192 25.03 -2.93 4.20
C GLN A 192 23.87 -2.74 3.21
N TYR A 193 22.75 -3.38 3.51
CA TYR A 193 21.57 -3.21 2.67
C TYR A 193 20.30 -3.29 3.48
N PHE A 194 19.28 -2.60 3.02
CA PHE A 194 17.94 -2.76 3.56
C PHE A 194 17.03 -3.34 2.47
N SER A 195 16.72 -4.62 2.60
CA SER A 195 15.87 -5.29 1.64
C SER A 195 14.43 -4.83 1.89
N MET A 196 13.51 -5.25 1.02
CA MET A 196 12.10 -4.97 1.26
C MET A 196 11.64 -5.53 2.61
N ARG A 197 12.21 -6.68 2.98
CA ARG A 197 11.94 -7.30 4.29
C ARG A 197 12.32 -6.35 5.43
N ASP A 198 13.52 -5.76 5.37
CA ASP A 198 13.98 -4.79 6.39
C ASP A 198 13.06 -3.57 6.44
N ILE A 199 12.62 -3.11 5.28
CA ILE A 199 11.71 -1.97 5.24
C ILE A 199 10.37 -2.34 5.90
N ASP A 200 9.89 -3.55 5.61
CA ASP A 200 8.70 -4.10 6.26
C ASP A 200 8.80 -4.07 7.78
N ARG A 201 10.00 -4.36 8.28
CA ARG A 201 10.24 -4.46 9.73
C ARG A 201 10.50 -3.10 10.35
N LEU A 202 11.41 -2.33 9.78
CA LEU A 202 11.85 -1.08 10.39
C LEU A 202 10.98 0.11 10.03
N GLY A 203 10.37 0.06 8.85
CA GLY A 203 9.75 1.25 8.30
C GLY A 203 10.79 2.14 7.63
N ILE A 204 10.34 2.87 6.61
CA ILE A 204 11.25 3.65 5.79
C ILE A 204 11.96 4.80 6.55
N GLN A 205 11.35 5.34 7.61
CA GLN A 205 12.02 6.39 8.38
C GLN A 205 13.28 5.87 9.05
N LYS A 206 13.15 4.76 9.78
CA LYS A 206 14.31 4.14 10.42
C LYS A 206 15.35 3.67 9.38
N VAL A 207 14.86 3.17 8.25
CA VAL A 207 15.77 2.76 7.17
C VAL A 207 16.66 3.92 6.73
N MET A 208 16.05 5.09 6.51
CA MET A 208 16.82 6.25 6.06
C MET A 208 17.76 6.74 7.17
N GLU A 209 17.28 6.74 8.40
CA GLU A 209 18.11 7.15 9.54
C GLU A 209 19.36 6.30 9.63
N ARG A 210 19.18 4.98 9.53
CA ARG A 210 20.31 4.07 9.63
C ARG A 210 21.25 4.17 8.45
N THR A 211 20.68 4.44 7.28
CA THR A 211 21.48 4.60 6.07
C THR A 211 22.43 5.78 6.21
N PHE A 212 21.93 6.90 6.71
CA PHE A 212 22.77 8.07 6.89
C PHE A 212 23.77 7.91 8.03
N ASP A 213 23.40 7.19 9.08
CA ASP A 213 24.36 6.93 10.14
CA ASP A 213 24.34 6.90 10.16
C ASP A 213 25.56 6.17 9.61
N LEU A 214 25.32 5.12 8.84
CA LEU A 214 26.39 4.34 8.22
C LEU A 214 27.28 5.16 7.27
N LEU A 215 26.66 6.03 6.49
CA LEU A 215 27.40 6.75 5.44
C LEU A 215 28.00 8.07 5.93
N ILE A 216 27.19 8.89 6.59
CA ILE A 216 27.61 10.23 6.99
C ILE A 216 27.51 10.48 8.49
N GLY A 217 27.45 9.41 9.28
CA GLY A 217 27.34 9.56 10.72
C GLY A 217 28.61 10.12 11.36
N LYS A 218 29.74 9.89 10.71
CA LYS A 218 31.04 10.36 11.23
C LYS A 218 31.48 11.68 10.61
N ARG A 219 31.22 11.85 9.31
CA ARG A 219 31.57 13.09 8.63
C ARG A 219 30.61 13.36 7.47
N GLN A 220 30.50 14.63 7.09
CA GLN A 220 29.78 15.01 5.89
C GLN A 220 30.49 14.51 4.65
N ARG A 221 29.73 13.93 3.72
CA ARG A 221 30.27 13.42 2.45
C ARG A 221 29.29 13.69 1.33
N PRO A 222 29.80 14.01 0.13
CA PRO A 222 28.87 14.19 -0.98
C PRO A 222 28.13 12.86 -1.26
N ILE A 223 26.85 12.97 -1.59
CA ILE A 223 26.02 11.80 -1.75
C ILE A 223 25.70 11.58 -3.23
N HIS A 224 25.94 10.35 -3.69
CA HIS A 224 25.53 9.92 -5.01
C HIS A 224 24.31 9.00 -4.90
N LEU A 225 23.16 9.46 -5.41
CA LEU A 225 21.94 8.67 -5.35
C LEU A 225 21.72 7.94 -6.67
N SER A 226 21.84 6.62 -6.66
CA SER A 226 21.65 5.88 -7.92
C SER A 226 20.32 5.14 -7.85
N PHE A 227 19.34 5.65 -8.57
CA PHE A 227 17.97 5.19 -8.39
C PHE A 227 17.48 4.42 -9.62
N ASP A 228 17.30 3.12 -9.44
CA ASP A 228 16.72 2.27 -10.46
C ASP A 228 15.20 2.33 -10.27
N ILE A 229 14.49 2.74 -11.31
CA ILE A 229 13.04 2.88 -11.21
C ILE A 229 12.35 1.57 -10.80
N ASP A 230 12.97 0.42 -11.11
CA ASP A 230 12.40 -0.87 -10.72
C ASP A 230 12.43 -1.13 -9.20
N ALA A 231 12.98 -0.19 -8.43
CA ALA A 231 12.86 -0.27 -6.98
C ALA A 231 11.39 -0.20 -6.57
N PHE A 232 10.64 0.63 -7.29
CA PHE A 232 9.20 0.78 -7.07
C PHE A 232 8.45 -0.49 -7.50
N ASP A 233 7.36 -0.80 -6.82
CA ASP A 233 6.45 -1.87 -7.26
C ASP A 233 6.05 -1.69 -8.72
N PRO A 234 6.01 -2.80 -9.48
CA PRO A 234 5.63 -2.83 -10.91
C PRO A 234 4.29 -2.13 -11.19
N THR A 235 3.37 -2.16 -10.23
CA THR A 235 2.13 -1.44 -10.39
C THR A 235 2.34 0.06 -10.54
N LEU A 236 3.37 0.58 -9.89
CA LEU A 236 3.69 2.00 -9.96
C LEU A 236 4.67 2.33 -11.10
N ALA A 237 5.58 1.41 -11.38
CA ALA A 237 6.53 1.63 -12.46
C ALA A 237 6.61 0.41 -13.36
N PRO A 238 5.57 0.19 -14.18
CA PRO A 238 5.54 -0.98 -15.07
C PRO A 238 6.56 -0.93 -16.22
N ALA A 239 6.92 0.28 -16.66
CA ALA A 239 7.73 0.41 -17.88
C ALA A 239 9.22 0.29 -17.57
N THR A 240 9.67 -0.94 -17.37
CA THR A 240 11.05 -1.19 -16.97
C THR A 240 11.37 -2.65 -17.27
N GLY A 241 12.65 -2.93 -17.49
CA GLY A 241 13.06 -4.21 -18.03
C GLY A 241 12.99 -5.44 -17.13
N THR A 242 13.22 -5.27 -15.83
CA THR A 242 13.19 -6.40 -14.91
CA THR A 242 13.19 -6.40 -14.91
C THR A 242 12.32 -6.12 -13.69
N PRO A 243 10.99 -6.01 -13.89
CA PRO A 243 10.12 -5.68 -12.76
C PRO A 243 10.03 -6.82 -11.74
N VAL A 244 9.99 -6.49 -10.44
CA VAL A 244 9.83 -7.51 -9.40
C VAL A 244 8.71 -7.11 -8.43
N VAL A 245 7.73 -7.99 -8.24
CA VAL A 245 6.61 -7.69 -7.33
C VAL A 245 7.09 -7.39 -5.91
N GLY A 246 6.30 -6.60 -5.19
CA GLY A 246 6.56 -6.34 -3.78
C GLY A 246 7.56 -5.22 -3.55
N GLY A 247 7.44 -4.13 -4.33
CA GLY A 247 8.42 -3.05 -4.25
C GLY A 247 8.04 -1.88 -3.38
N LEU A 248 8.81 -0.81 -3.49
CA LEU A 248 8.53 0.41 -2.74
C LEU A 248 7.16 0.94 -3.13
N THR A 249 6.45 1.50 -2.16
CA THR A 249 5.27 2.26 -2.47
C THR A 249 5.71 3.63 -2.95
N TYR A 250 4.77 4.36 -3.57
CA TYR A 250 5.01 5.74 -4.00
C TYR A 250 5.50 6.56 -2.81
N ARG A 251 4.81 6.44 -1.68
CA ARG A 251 5.13 7.24 -0.50
C ARG A 251 6.52 6.91 0.02
N GLU A 252 6.89 5.63 -0.03
CA GLU A 252 8.23 5.24 0.41
C GLU A 252 9.30 5.86 -0.49
N GLY A 253 9.10 5.77 -1.81
CA GLY A 253 9.99 6.42 -2.77
C GLY A 253 10.18 7.90 -2.47
N MET A 254 9.07 8.62 -2.28
CA MET A 254 9.15 10.05 -2.00
C MET A 254 9.89 10.29 -0.69
N TYR A 255 9.63 9.45 0.30
CA TYR A 255 10.29 9.63 1.58
C TYR A 255 11.80 9.48 1.43
N ILE A 256 12.25 8.46 0.69
CA ILE A 256 13.67 8.27 0.46
C ILE A 256 14.25 9.53 -0.16
N ALA A 257 13.62 10.02 -1.22
CA ALA A 257 14.11 11.21 -1.92
C ALA A 257 14.15 12.44 -1.00
N GLU A 258 13.09 12.63 -0.23
CA GLU A 258 13.01 13.75 0.74
C GLU A 258 14.16 13.72 1.74
N GLU A 259 14.44 12.55 2.29
CA GLU A 259 15.56 12.41 3.21
C GLU A 259 16.89 12.65 2.50
N ILE A 260 17.00 12.23 1.25
CA ILE A 260 18.19 12.56 0.48
C ILE A 260 18.35 14.08 0.40
N HIS A 261 17.28 14.77 0.03
CA HIS A 261 17.32 16.22 -0.03
C HIS A 261 17.72 16.85 1.32
N ASN A 262 17.12 16.35 2.39
CA ASN A 262 17.28 16.94 3.70
C ASN A 262 18.70 16.86 4.26
N THR A 263 19.52 15.94 3.75
CA THR A 263 20.93 15.90 4.17
C THR A 263 21.69 17.14 3.70
N GLY A 264 21.18 17.79 2.65
CA GLY A 264 21.90 18.89 2.02
C GLY A 264 23.14 18.44 1.25
N LEU A 265 23.37 17.13 1.13
CA LEU A 265 24.62 16.63 0.55
C LEU A 265 24.52 15.98 -0.84
N LEU A 266 23.33 15.98 -1.44
CA LEU A 266 23.16 15.33 -2.74
C LEU A 266 24.01 16.03 -3.80
N SER A 267 24.91 15.29 -4.42
CA SER A 267 25.85 15.85 -5.39
C SER A 267 25.62 15.30 -6.80
N ALA A 268 25.06 14.09 -6.86
CA ALA A 268 24.71 13.48 -8.15
C ALA A 268 23.59 12.45 -7.99
N LEU A 269 22.78 12.34 -9.03
CA LEU A 269 21.66 11.40 -9.03
C LEU A 269 21.54 10.71 -10.37
N ASP A 270 21.38 9.38 -10.35
CA ASP A 270 21.03 8.65 -11.58
C ASP A 270 19.57 8.25 -11.48
N LEU A 271 18.81 8.42 -12.56
CA LEU A 271 17.46 7.84 -12.64
C LEU A 271 17.47 6.92 -13.86
N VAL A 272 17.53 5.62 -13.60
CA VAL A 272 17.80 4.66 -14.67
C VAL A 272 16.69 3.61 -14.85
N GLU A 273 16.71 2.98 -16.03
CA GLU A 273 15.89 1.80 -16.37
C GLU A 273 14.42 2.06 -16.70
N VAL A 274 14.08 3.33 -16.93
CA VAL A 274 12.77 3.63 -17.50
C VAL A 274 12.76 3.26 -18.99
N ASN A 275 11.93 2.28 -19.36
CA ASN A 275 11.85 1.83 -20.74
C ASN A 275 10.41 1.95 -21.22
N PRO A 276 10.09 3.05 -21.89
CA PRO A 276 8.73 3.35 -22.35
C PRO A 276 8.14 2.26 -23.26
N GLN A 277 8.99 1.58 -24.04
CA GLN A 277 8.52 0.53 -24.96
C GLN A 277 7.93 -0.69 -24.26
N LEU A 278 8.25 -0.88 -22.98
CA LEU A 278 7.77 -2.07 -22.27
C LEU A 278 6.44 -1.79 -21.59
N ALA A 279 5.97 -0.55 -21.71
CA ALA A 279 4.64 -0.23 -21.26
C ALA A 279 3.61 -0.95 -22.14
N THR A 280 2.56 -1.46 -21.50
CA THR A 280 1.45 -2.11 -22.16
C THR A 280 0.54 -1.06 -22.81
N SER A 281 0.65 0.18 -22.35
CA SER A 281 -0.17 1.29 -22.84
C SER A 281 0.58 2.60 -22.70
N GLU A 282 0.08 3.65 -23.32
CA GLU A 282 0.70 4.97 -23.22
C GLU A 282 0.55 5.50 -21.81
N GLU A 283 -0.56 5.12 -21.18
CA GLU A 283 -0.79 5.48 -19.79
C GLU A 283 0.28 4.90 -18.88
N GLU A 284 0.65 3.64 -19.12
CA GLU A 284 1.66 2.99 -18.28
C GLU A 284 3.04 3.63 -18.46
N ALA A 285 3.35 4.06 -19.68
CA ALA A 285 4.63 4.71 -19.96
C ALA A 285 4.68 6.05 -19.25
N LYS A 286 3.60 6.82 -19.37
CA LYS A 286 3.58 8.14 -18.77
C LYS A 286 3.62 8.10 -17.23
N THR A 287 2.93 7.15 -16.60
CA THR A 287 2.95 7.07 -15.14
CA THR A 287 2.95 7.05 -15.14
C THR A 287 4.35 6.70 -14.64
N THR A 288 5.07 5.87 -15.39
CA THR A 288 6.45 5.51 -15.03
C THR A 288 7.36 6.75 -15.17
N ALA A 289 7.20 7.49 -16.26
CA ALA A 289 8.02 8.66 -16.49
C ALA A 289 7.71 9.77 -15.49
N ASN A 290 6.44 9.88 -15.11
CA ASN A 290 6.02 10.89 -14.14
C ASN A 290 6.56 10.58 -12.76
N LEU A 291 6.57 9.30 -12.44
CA LEU A 291 7.13 8.83 -11.18
C LEU A 291 8.62 9.17 -11.13
N ALA A 292 9.31 8.95 -12.25
CA ALA A 292 10.73 9.29 -12.33
C ALA A 292 10.96 10.78 -12.03
N VAL A 293 10.12 11.64 -12.60
CA VAL A 293 10.21 13.06 -12.35
C VAL A 293 9.93 13.39 -10.87
N ASP A 294 8.93 12.75 -10.28
CA ASP A 294 8.68 12.95 -8.85
C ASP A 294 9.89 12.60 -7.99
N VAL A 295 10.57 11.50 -8.31
CA VAL A 295 11.76 11.09 -7.55
C VAL A 295 12.83 12.17 -7.64
N ILE A 296 13.09 12.62 -8.86
CA ILE A 296 14.15 13.61 -9.05
C ILE A 296 13.77 14.92 -8.38
N ALA A 297 12.53 15.36 -8.55
CA ALA A 297 12.10 16.63 -7.99
C ALA A 297 12.15 16.59 -6.47
N SER A 298 11.69 15.49 -5.88
CA SER A 298 11.72 15.35 -4.42
CA SER A 298 11.71 15.36 -4.43
C SER A 298 13.15 15.36 -3.90
N SER A 299 14.06 14.75 -4.66
CA SER A 299 15.48 14.69 -4.27
C SER A 299 16.13 16.07 -4.27
N PHE A 300 15.50 17.03 -4.93
CA PHE A 300 16.05 18.38 -4.97
C PHE A 300 15.15 19.38 -4.29
N GLY A 301 14.25 18.90 -3.45
CA GLY A 301 13.54 19.78 -2.54
C GLY A 301 12.04 19.84 -2.63
N GLN A 302 11.43 19.16 -3.60
CA GLN A 302 9.98 19.15 -3.61
C GLN A 302 9.44 18.43 -2.36
N THR A 303 8.52 19.08 -1.67
CA THR A 303 7.94 18.52 -0.44
C THR A 303 6.47 18.17 -0.65
N ARG A 304 5.92 17.38 0.25
CA ARG A 304 4.51 17.10 0.22
C ARG A 304 3.73 18.08 1.11
N GLU A 305 4.40 19.06 1.72
CA GLU A 305 3.65 19.98 2.58
C GLU A 305 3.74 21.46 2.17
N GLY A 306 4.27 21.74 0.99
CA GLY A 306 4.37 23.12 0.53
C GLY A 306 5.49 23.91 1.19
N HIS B 1 -29.08 7.25 20.01
CA HIS B 1 -28.06 7.47 18.98
C HIS B 1 -28.69 7.73 17.62
N SER B 2 -28.82 9.02 17.30
CA SER B 2 -29.57 9.45 16.14
C SER B 2 -28.70 10.20 15.15
N VAL B 3 -28.91 9.91 13.87
CA VAL B 3 -28.10 10.50 12.81
C VAL B 3 -29.01 11.21 11.82
N ALA B 4 -28.69 12.45 11.51
CA ALA B 4 -29.39 13.16 10.46
C ALA B 4 -28.52 13.11 9.22
N VAL B 5 -29.13 12.81 8.07
CA VAL B 5 -28.42 12.82 6.81
C VAL B 5 -28.92 13.98 5.95
N ILE B 6 -28.00 14.84 5.55
CA ILE B 6 -28.36 15.99 4.74
C ILE B 6 -27.61 15.93 3.42
N GLY B 7 -28.34 15.92 2.31
CA GLY B 7 -27.72 16.05 1.02
C GLY B 7 -27.47 17.50 0.69
N ALA B 8 -26.20 17.85 0.45
CA ALA B 8 -25.85 19.21 0.06
C ALA B 8 -25.22 19.24 -1.33
N PRO B 9 -26.07 19.18 -2.36
CA PRO B 9 -25.54 19.03 -3.72
C PRO B 9 -24.99 20.35 -4.27
N PHE B 10 -23.84 20.77 -3.75
CA PHE B 10 -23.24 22.03 -4.21
C PHE B 10 -22.02 21.84 -5.10
N SER B 11 -21.94 22.66 -6.15
CA SER B 11 -20.85 22.57 -7.12
C SER B 11 -20.19 23.93 -7.33
N GLN B 12 -20.79 24.98 -6.79
CA GLN B 12 -20.36 26.35 -7.12
C GLN B 12 -19.13 26.83 -6.32
N GLY B 13 -18.65 26.00 -5.39
CA GLY B 13 -17.35 26.24 -4.77
C GLY B 13 -16.16 25.89 -5.66
N GLN B 14 -16.45 25.36 -6.84
CA GLN B 14 -15.38 25.02 -7.79
C GLN B 14 -15.93 25.02 -9.21
N LYS B 15 -15.13 24.56 -10.17
CA LYS B 15 -15.50 24.74 -11.58
C LYS B 15 -15.82 23.45 -12.36
N ARG B 16 -15.57 22.28 -11.77
CA ARG B 16 -15.81 21.02 -12.49
C ARG B 16 -17.24 20.53 -12.24
N LYS B 17 -17.99 20.28 -13.31
CA LYS B 17 -19.39 19.87 -13.21
C LYS B 17 -19.55 18.45 -12.67
N GLY B 18 -20.62 18.20 -11.92
CA GLY B 18 -20.95 16.85 -11.52
C GLY B 18 -20.85 16.54 -10.03
N VAL B 19 -20.12 17.37 -9.28
CA VAL B 19 -19.97 17.09 -7.86
C VAL B 19 -21.32 17.23 -7.13
N GLU B 20 -22.26 17.96 -7.73
CA GLU B 20 -23.61 18.05 -7.18
C GLU B 20 -24.35 16.68 -7.20
N HIS B 21 -23.81 15.69 -7.91
CA HIS B 21 -24.43 14.36 -7.93
C HIS B 21 -23.81 13.44 -6.91
N GLY B 22 -22.82 13.95 -6.18
CA GLY B 22 -22.21 13.20 -5.09
C GLY B 22 -23.18 12.65 -4.07
N PRO B 23 -24.15 13.47 -3.59
CA PRO B 23 -25.04 12.89 -2.57
C PRO B 23 -25.86 11.71 -3.10
N ALA B 24 -26.38 11.82 -4.32
CA ALA B 24 -27.11 10.71 -4.94
C ALA B 24 -26.24 9.46 -5.04
N ALA B 25 -25.02 9.61 -5.54
CA ALA B 25 -24.11 8.47 -5.69
C ALA B 25 -23.87 7.78 -4.35
N ILE B 26 -23.69 8.58 -3.30
CA ILE B 26 -23.44 8.02 -1.98
C ILE B 26 -24.68 7.28 -1.46
N ARG B 27 -25.86 7.87 -1.60
CA ARG B 27 -27.07 7.18 -1.21
C ARG B 27 -27.24 5.86 -1.98
N GLU B 28 -26.94 5.89 -3.29
CA GLU B 28 -27.14 4.73 -4.16
C GLU B 28 -26.21 3.59 -3.74
N ALA B 29 -25.08 3.93 -3.14
CA ALA B 29 -24.14 2.93 -2.66
C ALA B 29 -24.59 2.29 -1.33
N GLY B 30 -25.80 2.61 -0.87
CA GLY B 30 -26.34 1.93 0.30
C GLY B 30 -26.09 2.58 1.66
N LEU B 31 -25.81 3.88 1.68
CA LEU B 31 -25.53 4.59 2.95
C LEU B 31 -26.57 4.36 4.05
N MET B 32 -27.85 4.53 3.71
CA MET B 32 -28.89 4.53 4.75
C MET B 32 -29.03 3.17 5.44
N LYS B 33 -29.02 2.09 4.66
CA LYS B 33 -29.08 0.73 5.22
C LYS B 33 -27.88 0.42 6.11
N ARG B 34 -26.70 0.83 5.66
CA ARG B 34 -25.48 0.67 6.45
C ARG B 34 -25.63 1.36 7.80
N LEU B 35 -26.13 2.59 7.80
CA LEU B 35 -26.28 3.31 9.07
C LEU B 35 -27.33 2.65 9.96
N SER B 36 -28.47 2.27 9.38
CA SER B 36 -29.52 1.57 10.13
CA SER B 36 -29.51 1.58 10.14
C SER B 36 -28.98 0.31 10.79
N SER B 37 -28.23 -0.49 10.02
CA SER B 37 -27.68 -1.76 10.53
C SER B 37 -26.75 -1.62 11.74
N LEU B 38 -26.15 -0.45 11.90
CA LEU B 38 -25.31 -0.18 13.07
C LEU B 38 -26.16 0.26 14.25
N GLY B 39 -27.48 0.35 14.03
CA GLY B 39 -28.39 0.80 15.08
C GLY B 39 -28.66 2.30 15.09
N CYS B 40 -28.25 3.00 14.05
CA CYS B 40 -28.55 4.43 14.00
C CYS B 40 -30.02 4.69 13.74
N HIS B 41 -30.61 5.59 14.53
CA HIS B 41 -31.92 6.13 14.22
C HIS B 41 -31.74 7.27 13.26
N LEU B 42 -32.39 7.18 12.10
CA LEU B 42 -32.09 8.07 10.99
C LEU B 42 -33.19 9.10 10.71
N LYS B 43 -32.78 10.34 10.44
CA LYS B 43 -33.68 11.31 9.81
C LYS B 43 -33.04 11.77 8.51
N ASP B 44 -33.69 11.45 7.40
CA ASP B 44 -33.18 11.87 6.11
C ASP B 44 -33.82 13.21 5.75
N PHE B 45 -33.00 14.24 5.60
CA PHE B 45 -33.50 15.55 5.21
C PHE B 45 -33.63 15.64 3.70
N GLY B 46 -33.27 14.56 3.01
CA GLY B 46 -33.17 14.59 1.56
C GLY B 46 -32.05 15.49 1.09
N ASP B 47 -32.10 15.88 -0.18
CA ASP B 47 -31.13 16.79 -0.75
C ASP B 47 -31.68 18.20 -0.77
N LEU B 48 -31.01 19.12 -0.07
CA LEU B 48 -31.44 20.51 -0.01
C LEU B 48 -31.51 21.12 -1.41
N SER B 49 -32.44 22.05 -1.61
CA SER B 49 -32.42 22.90 -2.80
C SER B 49 -32.01 24.29 -2.33
N PHE B 50 -30.84 24.75 -2.75
CA PHE B 50 -30.36 26.05 -2.29
C PHE B 50 -30.88 27.20 -3.15
N THR B 51 -31.24 28.30 -2.51
CA THR B 51 -31.72 29.48 -3.23
C THR B 51 -30.62 30.09 -4.09
N PRO B 52 -30.91 30.28 -5.40
CA PRO B 52 -29.88 30.88 -6.26
C PRO B 52 -29.80 32.39 -6.06
N VAL B 53 -28.72 33.00 -6.54
CA VAL B 53 -28.58 34.44 -6.47
C VAL B 53 -28.37 34.99 -7.88
N PRO B 54 -29.24 35.89 -8.34
CA PRO B 54 -29.11 36.42 -9.71
C PRO B 54 -27.84 37.25 -9.79
N LYS B 55 -27.19 37.27 -10.96
CA LYS B 55 -26.10 38.19 -11.22
C LYS B 55 -24.96 38.03 -10.21
N ASP B 56 -24.64 36.78 -9.90
CA ASP B 56 -23.63 36.51 -8.89
C ASP B 56 -22.25 36.63 -9.57
N ASP B 57 -21.88 37.86 -9.90
CA ASP B 57 -20.65 38.17 -10.61
C ASP B 57 -19.42 37.86 -9.77
N LEU B 58 -18.28 37.69 -10.45
CA LEU B 58 -17.00 37.47 -9.81
C LEU B 58 -16.74 38.51 -8.73
N TYR B 59 -16.16 38.07 -7.62
CA TYR B 59 -15.67 39.02 -6.64
C TYR B 59 -14.20 39.30 -6.92
N ASN B 60 -13.88 40.58 -7.01
CA ASN B 60 -12.52 41.03 -7.30
C ASN B 60 -11.95 40.42 -8.57
N ASN B 61 -12.81 40.22 -9.58
CA ASN B 61 -12.41 39.58 -10.84
C ASN B 61 -11.69 38.25 -10.66
N LEU B 62 -12.00 37.53 -9.57
CA LEU B 62 -11.33 36.27 -9.28
C LEU B 62 -12.19 35.20 -8.59
N ILE B 63 -12.84 35.56 -7.48
CA ILE B 63 -13.59 34.59 -6.66
C ILE B 63 -14.93 34.30 -7.33
N VAL B 64 -15.16 33.02 -7.64
CA VAL B 64 -16.33 32.61 -8.43
CA VAL B 64 -16.33 32.65 -8.43
C VAL B 64 -17.54 32.29 -7.54
N ASN B 65 -18.73 32.69 -8.00
CA ASN B 65 -20.00 32.48 -7.30
C ASN B 65 -20.01 32.80 -5.80
N PRO B 66 -19.46 33.95 -5.39
CA PRO B 66 -19.38 34.17 -3.93
C PRO B 66 -20.75 34.24 -3.23
N ARG B 67 -21.73 34.93 -3.83
CA ARG B 67 -23.04 35.11 -3.18
C ARG B 67 -23.79 33.79 -3.10
N SER B 68 -23.67 32.97 -4.13
CA SER B 68 -24.34 31.66 -4.15
C SER B 68 -23.76 30.75 -3.08
N VAL B 69 -22.43 30.73 -2.97
CA VAL B 69 -21.77 29.89 -1.97
C VAL B 69 -22.11 30.42 -0.57
N GLY B 70 -22.18 31.75 -0.45
CA GLY B 70 -22.56 32.37 0.82
C GLY B 70 -23.98 32.00 1.23
N LEU B 71 -24.95 32.22 0.34
CA LEU B 71 -26.34 31.93 0.67
C LEU B 71 -26.61 30.44 0.91
N ALA B 72 -26.04 29.57 0.08
CA ALA B 72 -26.27 28.13 0.24
C ALA B 72 -25.74 27.70 1.59
N ASN B 73 -24.57 28.23 1.95
CA ASN B 73 -23.97 27.93 3.24
C ASN B 73 -24.78 28.47 4.43
N GLN B 74 -25.34 29.67 4.29
CA GLN B 74 -26.22 30.23 5.30
C GLN B 74 -27.41 29.29 5.50
N GLU B 75 -28.00 28.83 4.40
CA GLU B 75 -29.15 27.94 4.47
C GLU B 75 -28.77 26.59 5.06
N LEU B 76 -27.65 26.03 4.59
CA LEU B 76 -27.16 24.76 5.13
C LEU B 76 -26.89 24.86 6.64
N ALA B 77 -26.27 25.96 7.05
CA ALA B 77 -25.94 26.20 8.45
C ALA B 77 -27.17 26.12 9.35
N GLU B 78 -28.27 26.69 8.85
CA GLU B 78 -29.53 26.69 9.58
C GLU B 78 -30.05 25.27 9.79
N VAL B 79 -29.99 24.46 8.73
CA VAL B 79 -30.44 23.07 8.83
C VAL B 79 -29.57 22.28 9.81
N VAL B 80 -28.25 22.44 9.70
CA VAL B 80 -27.33 21.73 10.59
C VAL B 80 -27.53 22.15 12.04
N SER B 81 -27.59 23.45 12.29
CA SER B 81 -27.80 23.97 13.64
C SER B 81 -29.07 23.37 14.24
N ARG B 82 -30.16 23.43 13.48
CA ARG B 82 -31.43 22.86 13.90
C ARG B 82 -31.30 21.37 14.24
N ALA B 83 -30.65 20.61 13.35
CA ALA B 83 -30.53 19.16 13.55
C ALA B 83 -29.71 18.80 14.80
N VAL B 84 -28.62 19.52 15.02
CA VAL B 84 -27.80 19.31 16.22
C VAL B 84 -28.62 19.61 17.47
N SER B 85 -29.35 20.72 17.42
CA SER B 85 -30.18 21.13 18.55
C SER B 85 -31.26 20.08 18.85
N ASP B 86 -31.73 19.36 17.82
CA ASP B 86 -32.66 18.25 18.04
C ASP B 86 -31.96 16.95 18.39
N GLY B 87 -30.64 17.01 18.59
CA GLY B 87 -29.93 15.85 19.14
C GLY B 87 -29.35 14.88 18.13
N TYR B 88 -29.34 15.26 16.86
CA TYR B 88 -28.76 14.41 15.82
C TYR B 88 -27.27 14.67 15.64
N SER B 89 -26.49 13.59 15.49
CA SER B 89 -25.18 13.70 14.85
C SER B 89 -25.46 13.97 13.37
N CYS B 90 -24.79 14.95 12.77
CA CYS B 90 -25.12 15.42 11.44
CA CYS B 90 -25.13 15.39 11.42
C CYS B 90 -24.17 14.93 10.34
N VAL B 91 -24.67 14.11 9.43
CA VAL B 91 -23.89 13.68 8.26
C VAL B 91 -24.29 14.56 7.07
N THR B 92 -23.35 15.31 6.53
CA THR B 92 -23.65 16.08 5.32
C THR B 92 -22.92 15.52 4.11
N LEU B 93 -23.67 15.23 3.05
CA LEU B 93 -23.10 14.67 1.83
C LEU B 93 -22.92 15.79 0.81
N GLY B 94 -21.69 15.96 0.33
CA GLY B 94 -21.42 16.95 -0.70
C GLY B 94 -21.37 16.28 -2.07
N GLY B 95 -21.18 17.07 -3.13
CA GLY B 95 -20.96 18.50 -2.98
C GLY B 95 -19.51 18.85 -2.73
N ASP B 96 -19.12 20.06 -3.13
CA ASP B 96 -17.73 20.49 -2.96
C ASP B 96 -17.48 20.97 -1.53
N HIS B 97 -16.21 21.08 -1.15
CA HIS B 97 -15.84 21.34 0.25
C HIS B 97 -16.17 22.74 0.79
N SER B 98 -16.63 23.65 -0.06
CA SER B 98 -17.03 24.97 0.44
C SER B 98 -18.23 24.89 1.39
N LEU B 99 -18.90 23.73 1.41
CA LEU B 99 -20.08 23.61 2.23
C LEU B 99 -19.71 23.35 3.70
N ALA B 100 -18.42 23.09 3.95
CA ALA B 100 -17.96 23.03 5.34
C ALA B 100 -18.10 24.40 6.00
N ILE B 101 -18.17 25.45 5.19
CA ILE B 101 -18.40 26.77 5.77
C ILE B 101 -19.74 26.74 6.49
N GLY B 102 -20.75 26.20 5.80
CA GLY B 102 -22.08 26.07 6.37
C GLY B 102 -22.21 25.03 7.47
N THR B 103 -21.69 23.82 7.25
CA THR B 103 -21.86 22.81 8.30
C THR B 103 -21.11 23.18 9.59
N ILE B 104 -19.91 23.74 9.48
CA ILE B 104 -19.18 24.10 10.70
C ILE B 104 -19.79 25.31 11.40
N SER B 105 -20.23 26.31 10.64
CA SER B 105 -20.90 27.47 11.23
C SER B 105 -22.14 27.04 11.99
N GLY B 106 -22.98 26.23 11.35
CA GLY B 106 -24.21 25.75 11.96
C GLY B 106 -23.94 24.90 13.18
N HIS B 107 -22.95 24.02 13.08
CA HIS B 107 -22.52 23.16 14.18
C HIS B 107 -22.00 24.00 15.35
N ALA B 108 -21.18 25.01 15.06
CA ALA B 108 -20.55 25.83 16.10
C ALA B 108 -21.54 26.77 16.78
N ARG B 109 -22.69 26.96 16.13
CA ARG B 109 -23.71 27.89 16.60
C ARG B 109 -24.11 27.62 18.06
N HIS B 110 -24.33 26.35 18.40
CA HIS B 110 -24.64 26.00 19.79
C HIS B 110 -23.71 24.93 20.37
N CYS B 111 -22.67 24.59 19.60
CA CYS B 111 -21.56 23.80 20.12
C CYS B 111 -20.27 24.58 19.88
N PRO B 112 -20.13 25.74 20.54
CA PRO B 112 -19.04 26.66 20.20
C PRO B 112 -17.64 26.14 20.60
N ASP B 113 -17.55 25.13 21.45
CA ASP B 113 -16.25 24.52 21.77
C ASP B 113 -15.95 23.29 20.90
N LEU B 114 -16.62 23.17 19.75
CA LEU B 114 -16.35 22.02 18.87
C LEU B 114 -14.91 22.06 18.38
N CYS B 115 -14.38 20.90 18.02
CA CYS B 115 -13.07 20.85 17.40
C CYS B 115 -13.20 20.15 16.05
N VAL B 116 -12.20 20.36 15.18
CA VAL B 116 -12.31 19.91 13.79
C VAL B 116 -11.18 18.99 13.38
N VAL B 117 -11.53 17.83 12.83
CA VAL B 117 -10.54 16.96 12.19
C VAL B 117 -10.83 17.03 10.69
N TRP B 118 -9.88 17.61 9.96
CA TRP B 118 -10.00 17.88 8.53
C TRP B 118 -9.12 16.89 7.77
N VAL B 119 -9.74 15.86 7.18
CA VAL B 119 -9.00 14.82 6.46
C VAL B 119 -9.05 15.13 4.97
N ASP B 120 -7.88 15.37 4.36
CA ASP B 120 -7.87 16.01 3.05
C ASP B 120 -6.45 15.96 2.48
N ALA B 121 -6.34 15.94 1.14
CA ALA B 121 -5.03 16.10 0.50
C ALA B 121 -4.59 17.57 0.61
N HIS B 122 -5.57 18.44 0.86
CA HIS B 122 -5.38 19.89 0.80
C HIS B 122 -5.73 20.58 2.11
N ALA B 123 -5.17 21.77 2.32
CA ALA B 123 -5.40 22.49 3.56
C ALA B 123 -6.67 23.35 3.50
N ASP B 124 -7.12 23.66 2.27
CA ASP B 124 -8.35 24.43 2.06
C ASP B 124 -8.37 25.73 2.88
N ILE B 125 -7.21 26.37 3.02
CA ILE B 125 -7.09 27.49 3.95
C ILE B 125 -6.55 28.73 3.26
N ASN B 126 -6.63 28.75 1.93
CA ASN B 126 -6.36 29.99 1.22
C ASN B 126 -7.39 31.01 1.61
N THR B 127 -7.03 32.28 1.54
CA THR B 127 -7.99 33.33 1.80
C THR B 127 -8.34 33.94 0.45
N PRO B 128 -9.31 34.85 0.42
CA PRO B 128 -9.57 35.52 -0.87
C PRO B 128 -8.36 36.30 -1.37
N LEU B 129 -7.37 36.55 -0.51
CA LEU B 129 -6.19 37.28 -0.94
C LEU B 129 -5.05 36.37 -1.41
N THR B 130 -5.17 35.06 -1.16
CA THR B 130 -4.10 34.13 -1.51
C THR B 130 -4.49 33.11 -2.57
N THR B 131 -5.80 32.89 -2.74
CA THR B 131 -6.26 31.88 -3.70
C THR B 131 -5.75 32.21 -5.10
N SER B 132 -5.26 31.21 -5.82
CA SER B 132 -4.85 31.43 -7.20
C SER B 132 -5.86 30.82 -8.17
N SER B 133 -6.93 30.24 -7.63
CA SER B 133 -7.95 29.61 -8.46
C SER B 133 -9.24 30.42 -8.46
N GLY B 134 -9.51 31.10 -7.33
CA GLY B 134 -10.80 31.76 -7.16
C GLY B 134 -11.87 30.81 -6.65
N ASN B 135 -11.51 29.54 -6.45
CA ASN B 135 -12.49 28.53 -6.05
C ASN B 135 -12.67 28.44 -4.54
N LEU B 136 -13.88 28.73 -4.07
CA LEU B 136 -14.14 28.79 -2.64
C LEU B 136 -13.92 27.48 -1.90
N HIS B 137 -13.99 26.34 -2.61
CA HIS B 137 -13.81 25.05 -1.94
C HIS B 137 -12.37 24.86 -1.43
N GLY B 138 -11.47 25.73 -1.88
CA GLY B 138 -10.09 25.71 -1.45
C GLY B 138 -9.82 26.80 -0.42
N GLN B 139 -10.87 27.53 -0.04
CA GLN B 139 -10.77 28.55 1.00
C GLN B 139 -11.59 28.38 2.31
N PRO B 140 -12.33 27.27 2.51
CA PRO B 140 -13.37 27.36 3.56
C PRO B 140 -12.84 27.63 4.97
N VAL B 141 -11.67 27.12 5.29
CA VAL B 141 -11.13 27.23 6.64
C VAL B 141 -10.77 28.67 6.97
N SER B 142 -10.39 29.46 5.96
CA SER B 142 -10.03 30.85 6.19
C SER B 142 -11.18 31.68 6.76
N PHE B 143 -12.41 31.30 6.44
CA PHE B 143 -13.58 32.03 6.93
C PHE B 143 -13.97 31.62 8.34
N LEU B 144 -13.47 30.47 8.77
CA LEU B 144 -13.85 29.89 10.06
C LEU B 144 -12.88 30.19 11.21
N LEU B 145 -11.63 30.51 10.87
CA LEU B 145 -10.59 30.63 11.90
C LEU B 145 -10.49 32.05 12.43
N ARG B 146 -10.75 32.23 13.73
CA ARG B 146 -10.75 33.58 14.29
C ARG B 146 -9.42 34.30 14.15
N GLU B 147 -8.30 33.59 14.26
CA GLU B 147 -6.99 34.25 14.17
C GLU B 147 -6.72 34.89 12.82
N LEU B 148 -7.47 34.48 11.79
CA LEU B 148 -7.23 34.93 10.43
C LEU B 148 -8.06 36.11 9.99
N GLN B 149 -9.03 36.51 10.79
CA GLN B 149 -10.06 37.45 10.32
CA GLN B 149 -10.04 37.43 10.27
C GLN B 149 -9.57 38.83 9.91
N ASP B 150 -8.45 39.27 10.47
CA ASP B 150 -7.84 40.53 10.04
CA ASP B 150 -7.84 40.52 10.05
C ASP B 150 -7.31 40.40 8.62
N LYS B 151 -7.09 39.17 8.16
CA LYS B 151 -6.52 38.93 6.84
C LYS B 151 -7.55 38.45 5.81
N VAL B 152 -8.81 38.35 6.22
CA VAL B 152 -9.85 37.85 5.35
C VAL B 152 -10.86 38.96 5.07
N PRO B 153 -10.89 39.44 3.82
CA PRO B 153 -11.85 40.50 3.45
C PRO B 153 -13.25 39.94 3.40
N GLN B 154 -14.22 40.84 3.37
CA GLN B 154 -15.63 40.48 3.44
C GLN B 154 -16.19 40.27 2.04
N LEU B 155 -16.65 39.04 1.76
CA LEU B 155 -17.23 38.72 0.47
C LEU B 155 -18.73 38.99 0.49
N PRO B 156 -19.28 39.38 -0.67
CA PRO B 156 -20.74 39.49 -0.79
C PRO B 156 -21.41 38.15 -0.51
N GLY B 157 -22.35 38.17 0.43
CA GLY B 157 -23.07 36.97 0.84
C GLY B 157 -22.43 36.25 2.02
N PHE B 158 -21.34 36.81 2.53
CA PHE B 158 -20.61 36.18 3.64
C PHE B 158 -20.77 36.88 4.99
N SER B 159 -21.50 37.99 5.03
CA SER B 159 -21.53 38.83 6.24
C SER B 159 -22.13 38.12 7.47
N TRP B 160 -22.98 37.11 7.22
CA TRP B 160 -23.61 36.33 8.29
C TRP B 160 -22.60 35.45 9.03
N ILE B 161 -21.46 35.20 8.41
CA ILE B 161 -20.47 34.30 9.00
C ILE B 161 -19.62 34.95 10.09
N LYS B 162 -19.67 34.38 11.29
CA LYS B 162 -18.72 34.76 12.34
C LYS B 162 -17.77 33.61 12.59
N PRO B 163 -16.48 33.86 12.37
CA PRO B 163 -15.37 32.96 12.67
C PRO B 163 -15.57 32.30 14.04
N CYS B 164 -15.54 30.97 14.09
CA CYS B 164 -16.09 30.27 15.24
C CYS B 164 -15.14 29.30 15.90
N ILE B 165 -13.99 29.05 15.29
CA ILE B 165 -13.00 28.22 15.97
C ILE B 165 -11.61 28.81 15.90
N SER B 166 -10.78 28.41 16.86
N SER B 166 -10.79 28.41 16.87
CA SER B 166 -9.41 28.87 16.92
CA SER B 166 -9.40 28.87 16.94
C SER B 166 -8.48 27.91 16.19
C SER B 166 -8.48 27.91 16.20
N SER B 167 -7.29 28.40 15.87
CA SER B 167 -6.31 27.63 15.13
C SER B 167 -5.79 26.42 15.93
N ALA B 168 -6.01 26.43 17.24
CA ALA B 168 -5.58 25.30 18.06
C ALA B 168 -6.67 24.23 18.03
N SER B 169 -7.80 24.56 17.41
CA SER B 169 -8.96 23.68 17.46
C SER B 169 -9.22 22.86 16.18
N ILE B 170 -8.30 22.97 15.22
CA ILE B 170 -8.38 22.16 14.00
C ILE B 170 -7.08 21.39 13.77
N VAL B 171 -7.20 20.13 13.38
CA VAL B 171 -6.04 19.31 13.02
C VAL B 171 -6.28 18.70 11.63
N TYR B 172 -5.28 18.81 10.76
CA TYR B 172 -5.35 18.24 9.41
C TYR B 172 -4.70 16.88 9.36
N ILE B 173 -5.27 15.97 8.55
CA ILE B 173 -4.67 14.67 8.31
C ILE B 173 -4.72 14.33 6.82
N GLY B 174 -3.54 14.04 6.24
CA GLY B 174 -3.44 13.58 4.86
C GLY B 174 -2.86 14.58 3.88
N LEU B 175 -2.45 15.74 4.38
CA LEU B 175 -1.99 16.82 3.51
C LEU B 175 -0.86 16.38 2.59
N ARG B 176 -0.96 16.76 1.31
CA ARG B 176 0.11 16.47 0.37
C ARG B 176 0.15 17.44 -0.82
N ASP B 177 -0.80 18.36 -0.89
CA ASP B 177 -0.83 19.34 -1.98
C ASP B 177 -1.19 20.72 -1.42
N VAL B 178 -0.18 21.40 -0.88
CA VAL B 178 -0.40 22.63 -0.14
C VAL B 178 0.23 23.81 -0.87
N ASP B 179 -0.54 24.88 -1.08
CA ASP B 179 -0.03 26.08 -1.72
C ASP B 179 0.90 26.82 -0.75
N PRO B 180 1.94 27.49 -1.27
CA PRO B 180 2.86 28.23 -0.37
C PRO B 180 2.17 29.23 0.59
N PRO B 181 1.18 29.99 0.11
CA PRO B 181 0.56 30.86 1.13
C PRO B 181 -0.18 30.06 2.21
N GLU B 182 -0.68 28.87 1.89
CA GLU B 182 -1.31 28.03 2.91
C GLU B 182 -0.27 27.51 3.89
N HIS B 183 0.88 27.10 3.36
CA HIS B 183 1.97 26.66 4.23
C HIS B 183 2.38 27.77 5.18
N PHE B 184 2.49 28.99 4.66
CA PHE B 184 2.81 30.13 5.50
C PHE B 184 1.76 30.26 6.60
N ILE B 185 0.49 30.14 6.23
CA ILE B 185 -0.59 30.30 7.21
C ILE B 185 -0.52 29.23 8.30
N LEU B 186 -0.33 27.97 7.90
CA LEU B 186 -0.27 26.89 8.87
C LEU B 186 0.86 27.09 9.89
N LYS B 187 2.03 27.52 9.39
CA LYS B 187 3.16 27.78 10.27
C LYS B 187 2.96 29.03 11.11
N ASN B 188 2.52 30.11 10.48
CA ASN B 188 2.40 31.39 11.17
C ASN B 188 1.43 31.33 12.34
N TYR B 189 0.33 30.58 12.19
CA TYR B 189 -0.64 30.47 13.28
C TYR B 189 -0.50 29.15 14.07
N ASP B 190 0.62 28.45 13.85
CA ASP B 190 0.90 27.15 14.49
C ASP B 190 -0.28 26.16 14.42
N ILE B 191 -0.86 26.02 13.23
CA ILE B 191 -1.92 25.03 13.04
C ILE B 191 -1.30 23.65 12.86
N GLN B 192 -1.77 22.69 13.64
CA GLN B 192 -1.20 21.36 13.65
C GLN B 192 -1.72 20.49 12.50
N TYR B 193 -0.81 19.76 11.87
CA TYR B 193 -1.22 18.90 10.76
C TYR B 193 -0.37 17.66 10.68
N PHE B 194 -0.92 16.64 10.06
CA PHE B 194 -0.17 15.43 9.78
C PHE B 194 -0.27 15.18 8.28
N SER B 195 0.79 15.55 7.58
CA SER B 195 0.88 15.36 6.14
C SER B 195 1.09 13.88 5.88
N MET B 196 1.06 13.48 4.61
CA MET B 196 1.34 12.08 4.30
C MET B 196 2.72 11.68 4.81
N ARG B 197 3.66 12.62 4.75
CA ARG B 197 5.00 12.42 5.27
C ARG B 197 4.99 12.06 6.76
N ASP B 198 4.21 12.78 7.57
CA ASP B 198 4.10 12.47 8.99
C ASP B 198 3.47 11.12 9.21
N ILE B 199 2.52 10.76 8.34
CA ILE B 199 1.92 9.44 8.45
C ILE B 199 2.96 8.38 8.11
N ASP B 200 3.76 8.61 7.07
CA ASP B 200 4.83 7.68 6.70
C ASP B 200 5.78 7.43 7.86
N ARG B 201 6.07 8.49 8.63
CA ARG B 201 7.00 8.41 9.76
C ARG B 201 6.36 7.77 10.98
N LEU B 202 5.21 8.33 11.37
CA LEU B 202 4.57 8.01 12.66
C LEU B 202 3.68 6.79 12.60
N GLY B 203 3.05 6.57 11.45
CA GLY B 203 2.00 5.56 11.34
C GLY B 203 0.66 6.13 11.77
N ILE B 204 -0.42 5.63 11.16
CA ILE B 204 -1.74 6.21 11.42
C ILE B 204 -2.22 6.08 12.89
N GLN B 205 -1.78 5.04 13.60
CA GLN B 205 -2.16 4.90 15.01
C GLN B 205 -1.67 6.07 15.87
N LYS B 206 -0.39 6.42 15.72
CA LYS B 206 0.17 7.50 16.52
C LYS B 206 -0.40 8.84 16.07
N VAL B 207 -0.71 8.96 14.78
CA VAL B 207 -1.28 10.20 14.26
C VAL B 207 -2.61 10.52 14.94
N MET B 208 -3.44 9.50 15.10
CA MET B 208 -4.76 9.68 15.72
C MET B 208 -4.61 9.96 17.22
N GLU B 209 -3.65 9.30 17.87
CA GLU B 209 -3.37 9.56 19.28
C GLU B 209 -3.01 11.01 19.51
N ARG B 210 -2.06 11.50 18.71
CA ARG B 210 -1.62 12.88 18.84
C ARG B 210 -2.70 13.86 18.43
N THR B 211 -3.53 13.46 17.47
CA THR B 211 -4.62 14.34 17.04
C THR B 211 -5.56 14.58 18.22
N PHE B 212 -5.98 13.49 18.86
CA PHE B 212 -6.94 13.59 19.96
C PHE B 212 -6.31 14.23 21.19
N ASP B 213 -5.04 13.97 21.43
CA ASP B 213 -4.35 14.62 22.54
CA ASP B 213 -4.34 14.61 22.53
C ASP B 213 -4.37 16.13 22.36
N LEU B 214 -4.12 16.61 21.14
CA LEU B 214 -4.16 18.04 20.87
C LEU B 214 -5.56 18.65 21.04
N LEU B 215 -6.58 17.90 20.66
CA LEU B 215 -7.93 18.46 20.59
C LEU B 215 -8.73 18.23 21.86
N ILE B 216 -8.70 17.00 22.36
CA ILE B 216 -9.55 16.61 23.47
C ILE B 216 -8.71 16.00 24.57
N GLY B 217 -7.44 16.37 24.63
CA GLY B 217 -6.56 15.84 25.66
C GLY B 217 -6.92 16.34 27.04
N LYS B 218 -7.54 17.52 27.11
CA LYS B 218 -7.83 18.12 28.41
C LYS B 218 -9.33 18.23 28.75
N ARG B 219 -10.18 18.17 27.72
CA ARG B 219 -11.62 18.22 27.90
C ARG B 219 -12.32 17.52 26.75
N GLN B 220 -13.51 16.98 27.01
CA GLN B 220 -14.32 16.38 25.97
C GLN B 220 -14.91 17.51 25.14
N ARG B 221 -14.94 17.33 23.82
CA ARG B 221 -15.48 18.33 22.90
C ARG B 221 -16.15 17.61 21.76
N PRO B 222 -17.29 18.14 21.28
CA PRO B 222 -17.94 17.53 20.12
C PRO B 222 -17.00 17.63 18.93
N ILE B 223 -16.89 16.55 18.18
CA ILE B 223 -15.93 16.49 17.07
C ILE B 223 -16.65 16.72 15.75
N HIS B 224 -16.09 17.59 14.92
CA HIS B 224 -16.58 17.77 13.56
C HIS B 224 -15.56 17.16 12.60
N LEU B 225 -15.94 16.05 11.95
CA LEU B 225 -15.06 15.39 10.99
C LEU B 225 -15.39 15.87 9.58
N SER B 226 -14.49 16.66 8.99
CA SER B 226 -14.70 17.11 7.61
C SER B 226 -13.78 16.28 6.72
N PHE B 227 -14.38 15.33 6.00
CA PHE B 227 -13.58 14.35 5.25
C PHE B 227 -13.74 14.57 3.74
N ASP B 228 -12.67 15.03 3.10
CA ASP B 228 -12.63 15.20 1.66
C ASP B 228 -12.22 13.87 1.07
N ILE B 229 -13.03 13.30 0.18
CA ILE B 229 -12.72 11.98 -0.38
C ILE B 229 -11.31 11.94 -1.03
N ASP B 230 -10.82 13.11 -1.49
CA ASP B 230 -9.50 13.16 -2.11
C ASP B 230 -8.35 12.94 -1.12
N ALA B 231 -8.68 12.73 0.16
CA ALA B 231 -7.64 12.33 1.10
C ALA B 231 -7.07 10.97 0.68
N PHE B 232 -7.95 10.12 0.16
CA PHE B 232 -7.56 8.78 -0.29
C PHE B 232 -6.74 8.85 -1.56
N ASP B 233 -5.84 7.87 -1.74
CA ASP B 233 -5.12 7.75 -3.00
C ASP B 233 -6.09 7.68 -4.17
N PRO B 234 -5.75 8.36 -5.27
CA PRO B 234 -6.64 8.37 -6.45
C PRO B 234 -6.95 6.96 -7.00
N THR B 235 -6.10 5.96 -6.75
CA THR B 235 -6.45 4.60 -7.16
C THR B 235 -7.69 4.09 -6.43
N LEU B 236 -7.94 4.64 -5.23
CA LEU B 236 -9.06 4.20 -4.41
C LEU B 236 -10.27 5.11 -4.60
N ALA B 237 -10.01 6.40 -4.79
CA ALA B 237 -11.09 7.36 -4.96
C ALA B 237 -10.87 8.21 -6.20
N PRO B 238 -10.98 7.60 -7.39
CA PRO B 238 -10.66 8.38 -8.59
C PRO B 238 -11.68 9.46 -8.90
N ALA B 239 -12.94 9.25 -8.51
CA ALA B 239 -13.99 10.16 -8.94
C ALA B 239 -14.07 11.41 -8.07
N THR B 240 -13.13 12.32 -8.29
CA THR B 240 -13.03 13.53 -7.50
C THR B 240 -12.28 14.57 -8.33
N GLY B 241 -12.49 15.85 -8.02
CA GLY B 241 -12.01 16.92 -8.88
C GLY B 241 -10.53 17.29 -8.83
N THR B 242 -9.89 17.08 -7.67
CA THR B 242 -8.47 17.40 -7.53
C THR B 242 -7.70 16.21 -6.93
N PRO B 243 -7.53 15.13 -7.70
CA PRO B 243 -6.84 13.95 -7.15
C PRO B 243 -5.35 14.19 -7.02
N VAL B 244 -4.74 13.66 -5.96
CA VAL B 244 -3.30 13.79 -5.77
C VAL B 244 -2.69 12.45 -5.40
N VAL B 245 -1.73 12.00 -6.22
CA VAL B 245 -1.06 10.72 -5.99
CA VAL B 245 -1.08 10.71 -5.99
C VAL B 245 -0.44 10.65 -4.60
N GLY B 246 -0.44 9.45 -4.00
CA GLY B 246 0.22 9.24 -2.72
C GLY B 246 -0.66 9.48 -1.50
N GLY B 247 -1.92 9.03 -1.57
CA GLY B 247 -2.88 9.34 -0.53
C GLY B 247 -3.03 8.28 0.53
N LEU B 248 -4.03 8.44 1.39
CA LEU B 248 -4.33 7.41 2.39
C LEU B 248 -4.63 6.08 1.69
N THR B 249 -4.23 4.98 2.32
CA THR B 249 -4.71 3.67 1.90
C THR B 249 -6.11 3.45 2.48
N TYR B 250 -6.79 2.44 1.96
CA TYR B 250 -8.10 2.05 2.46
C TYR B 250 -8.03 1.83 3.97
N ARG B 251 -7.07 1.01 4.38
CA ARG B 251 -6.94 0.68 5.79
C ARG B 251 -6.71 1.93 6.66
N GLU B 252 -5.91 2.87 6.16
CA GLU B 252 -5.63 4.09 6.91
C GLU B 252 -6.91 4.90 7.10
N GLY B 253 -7.69 5.06 6.03
CA GLY B 253 -8.97 5.76 6.09
C GLY B 253 -9.94 5.14 7.08
N MET B 254 -10.04 3.81 7.07
CA MET B 254 -10.89 3.12 8.02
C MET B 254 -10.39 3.34 9.45
N TYR B 255 -9.07 3.31 9.64
CA TYR B 255 -8.52 3.41 10.98
C TYR B 255 -8.85 4.79 11.55
N ILE B 256 -8.73 5.82 10.71
CA ILE B 256 -9.11 7.16 11.10
C ILE B 256 -10.56 7.20 11.56
N ALA B 257 -11.45 6.69 10.72
CA ALA B 257 -12.89 6.70 11.03
C ALA B 257 -13.18 5.91 12.30
N GLU B 258 -12.52 4.76 12.44
CA GLU B 258 -12.67 3.93 13.64
C GLU B 258 -12.32 4.70 14.92
N GLU B 259 -11.23 5.45 14.89
CA GLU B 259 -10.77 6.19 16.07
C GLU B 259 -11.67 7.38 16.33
N ILE B 260 -12.18 7.99 15.26
CA ILE B 260 -13.21 9.00 15.41
C ILE B 260 -14.40 8.42 16.17
N HIS B 261 -14.91 7.28 15.70
CA HIS B 261 -16.01 6.64 16.39
C HIS B 261 -15.65 6.33 17.84
N ASN B 262 -14.43 5.86 18.08
CA ASN B 262 -14.05 5.39 19.40
C ASN B 262 -14.00 6.47 20.46
N THR B 263 -13.89 7.74 20.06
CA THR B 263 -13.88 8.84 21.02
C THR B 263 -15.24 9.00 21.66
N GLY B 264 -16.28 8.57 20.95
CA GLY B 264 -17.65 8.75 21.39
C GLY B 264 -18.15 10.17 21.16
N LEU B 265 -17.34 11.01 20.52
CA LEU B 265 -17.62 12.45 20.46
C LEU B 265 -18.06 12.98 19.08
N LEU B 266 -18.16 12.10 18.09
CA LEU B 266 -18.52 12.56 16.75
C LEU B 266 -19.89 13.25 16.77
N SER B 267 -19.95 14.49 16.30
CA SER B 267 -21.19 15.25 16.40
C SER B 267 -21.64 15.69 15.00
N ALA B 268 -20.68 15.82 14.09
CA ALA B 268 -20.99 16.11 12.68
C ALA B 268 -19.91 15.58 11.74
N LEU B 269 -20.35 15.16 10.56
CA LEU B 269 -19.44 14.62 9.56
C LEU B 269 -19.79 15.18 8.17
N ASP B 270 -18.79 15.75 7.49
CA ASP B 270 -18.96 16.10 6.08
C ASP B 270 -18.26 15.03 5.25
N LEU B 271 -18.91 14.55 4.19
CA LEU B 271 -18.23 13.70 3.20
C LEU B 271 -18.37 14.39 1.85
N VAL B 272 -17.30 15.05 1.42
CA VAL B 272 -17.40 15.92 0.26
C VAL B 272 -16.49 15.53 -0.89
N GLU B 273 -16.78 16.12 -2.06
CA GLU B 273 -15.92 16.08 -3.25
C GLU B 273 -16.00 14.78 -4.07
N VAL B 274 -16.98 13.94 -3.78
CA VAL B 274 -17.27 12.80 -4.64
C VAL B 274 -17.96 13.30 -5.91
N ASN B 275 -17.32 13.14 -7.07
CA ASN B 275 -17.87 13.62 -8.32
C ASN B 275 -17.93 12.46 -9.29
N PRO B 276 -19.10 11.82 -9.39
CA PRO B 276 -19.26 10.61 -10.20
C PRO B 276 -19.00 10.89 -11.70
N GLN B 277 -19.23 12.11 -12.16
CA GLN B 277 -18.96 12.45 -13.57
C GLN B 277 -17.48 12.38 -13.96
N LEU B 278 -16.58 12.42 -12.98
CA LEU B 278 -15.15 12.43 -13.30
C LEU B 278 -14.55 11.04 -13.34
N ALA B 279 -15.35 10.03 -13.03
CA ALA B 279 -14.89 8.66 -13.16
C ALA B 279 -14.82 8.35 -14.65
N THR B 280 -13.84 7.55 -15.06
CA THR B 280 -13.74 7.18 -16.47
C THR B 280 -14.59 5.95 -16.79
N SER B 281 -15.14 5.34 -15.74
CA SER B 281 -16.04 4.20 -15.89
C SER B 281 -17.04 4.19 -14.73
N GLU B 282 -18.12 3.45 -14.91
CA GLU B 282 -19.11 3.30 -13.85
C GLU B 282 -18.48 2.59 -12.65
N GLU B 283 -17.57 1.66 -12.91
CA GLU B 283 -16.88 0.97 -11.83
C GLU B 283 -16.10 1.96 -10.95
N GLU B 284 -15.41 2.91 -11.59
CA GLU B 284 -14.65 3.92 -10.87
C GLU B 284 -15.55 4.81 -10.01
N ALA B 285 -16.75 5.12 -10.51
CA ALA B 285 -17.69 5.98 -9.77
C ALA B 285 -18.19 5.23 -8.55
N LYS B 286 -18.64 4.00 -8.78
CA LYS B 286 -19.17 3.18 -7.72
C LYS B 286 -18.15 2.85 -6.63
N THR B 287 -16.90 2.56 -7.00
CA THR B 287 -15.90 2.26 -5.97
CA THR B 287 -15.89 2.28 -5.98
C THR B 287 -15.68 3.49 -5.11
N THR B 288 -15.72 4.68 -5.74
CA THR B 288 -15.55 5.94 -5.00
C THR B 288 -16.72 6.17 -4.02
N ALA B 289 -17.94 6.00 -4.51
CA ALA B 289 -19.15 6.11 -3.68
C ALA B 289 -19.17 5.07 -2.57
N ASN B 290 -18.77 3.84 -2.89
CA ASN B 290 -18.73 2.78 -1.89
C ASN B 290 -17.73 3.09 -0.78
N LEU B 291 -16.61 3.69 -1.15
CA LEU B 291 -15.58 4.05 -0.18
C LEU B 291 -16.13 5.12 0.76
N ALA B 292 -16.84 6.09 0.18
CA ALA B 292 -17.51 7.14 0.96
C ALA B 292 -18.44 6.54 2.02
N VAL B 293 -19.20 5.52 1.63
CA VAL B 293 -20.10 4.86 2.57
C VAL B 293 -19.29 4.16 3.66
N ASP B 294 -18.23 3.47 3.28
CA ASP B 294 -17.36 2.82 4.26
C ASP B 294 -16.85 3.81 5.33
N VAL B 295 -16.48 5.01 4.90
CA VAL B 295 -15.96 6.01 5.85
C VAL B 295 -17.03 6.41 6.84
N ILE B 296 -18.22 6.72 6.31
CA ILE B 296 -19.32 7.19 7.15
C ILE B 296 -19.73 6.10 8.14
N ALA B 297 -19.83 4.87 7.65
CA ALA B 297 -20.25 3.75 8.50
C ALA B 297 -19.22 3.47 9.60
N SER B 298 -17.94 3.47 9.23
CA SER B 298 -16.88 3.24 10.20
CA SER B 298 -16.88 3.24 10.20
C SER B 298 -16.87 4.36 11.24
N SER B 299 -17.21 5.57 10.81
CA SER B 299 -17.27 6.73 11.70
C SER B 299 -18.40 6.61 12.71
N PHE B 300 -19.40 5.80 12.39
CA PHE B 300 -20.50 5.58 13.31
C PHE B 300 -20.56 4.17 13.86
N GLY B 301 -19.44 3.45 13.77
CA GLY B 301 -19.31 2.25 14.55
C GLY B 301 -19.06 0.95 13.85
N GLN B 302 -19.11 0.94 12.51
CA GLN B 302 -18.76 -0.28 11.80
C GLN B 302 -17.31 -0.61 12.08
N THR B 303 -17.06 -1.86 12.47
CA THR B 303 -15.71 -2.30 12.78
C THR B 303 -15.25 -3.39 11.81
N ARG B 304 -13.99 -3.74 11.90
CA ARG B 304 -13.45 -4.80 11.07
C ARG B 304 -13.29 -6.09 11.86
N GLU B 305 -13.87 -6.17 13.06
CA GLU B 305 -13.73 -7.40 13.82
C GLU B 305 -15.08 -7.98 14.29
N GLY B 306 -16.18 -7.34 13.91
CA GLY B 306 -17.50 -7.85 14.23
C GLY B 306 -18.05 -7.46 15.60
N HIS C 1 15.12 -32.44 3.96
CA HIS C 1 13.85 -31.79 4.22
C HIS C 1 12.80 -32.20 3.19
N SER C 2 11.77 -32.92 3.66
CA SER C 2 10.80 -33.55 2.77
C SER C 2 9.43 -32.88 2.84
N VAL C 3 8.85 -32.64 1.66
CA VAL C 3 7.57 -31.97 1.55
C VAL C 3 6.64 -32.82 0.70
N ALA C 4 5.47 -33.14 1.24
CA ALA C 4 4.44 -33.85 0.50
C ALA C 4 3.44 -32.81 0.02
N VAL C 5 3.00 -32.93 -1.24
CA VAL C 5 2.01 -32.01 -1.79
C VAL C 5 0.75 -32.80 -2.07
N ILE C 6 -0.37 -32.34 -1.52
CA ILE C 6 -1.64 -33.03 -1.70
C ILE C 6 -2.66 -32.10 -2.32
N GLY C 7 -3.14 -32.44 -3.51
CA GLY C 7 -4.23 -31.69 -4.09
C GLY C 7 -5.54 -32.13 -3.47
N ALA C 8 -6.36 -31.19 -3.00
CA ALA C 8 -7.64 -31.55 -2.42
C ALA C 8 -8.75 -30.76 -3.11
N PRO C 9 -9.13 -31.20 -4.32
CA PRO C 9 -10.07 -30.46 -5.16
C PRO C 9 -11.50 -30.59 -4.64
N PHE C 10 -11.79 -29.92 -3.52
CA PHE C 10 -13.11 -29.98 -2.93
C PHE C 10 -13.80 -28.63 -3.01
N SER C 11 -15.11 -28.66 -3.26
CA SER C 11 -15.87 -27.42 -3.44
C SER C 11 -17.15 -27.43 -2.62
N GLN C 12 -17.46 -28.59 -2.04
CA GLN C 12 -18.76 -28.78 -1.39
C GLN C 12 -18.86 -28.17 0.02
N GLY C 13 -17.76 -27.58 0.49
CA GLY C 13 -17.81 -26.76 1.70
C GLY C 13 -18.45 -25.40 1.44
N GLN C 14 -18.82 -25.13 0.19
CA GLN C 14 -19.47 -23.87 -0.15
C GLN C 14 -20.25 -24.01 -1.46
N LYS C 15 -20.78 -22.90 -1.99
CA LYS C 15 -21.73 -22.99 -3.11
C LYS C 15 -21.20 -22.49 -4.46
N ARG C 16 -20.02 -21.87 -4.48
CA ARG C 16 -19.51 -21.33 -5.74
C ARG C 16 -18.68 -22.36 -6.50
N LYS C 17 -19.02 -22.56 -7.77
CA LYS C 17 -18.30 -23.54 -8.60
C LYS C 17 -16.89 -23.07 -8.94
N GLY C 18 -15.94 -24.00 -8.97
CA GLY C 18 -14.65 -23.71 -9.55
C GLY C 18 -13.46 -23.83 -8.63
N VAL C 19 -13.70 -23.73 -7.32
CA VAL C 19 -12.62 -23.81 -6.35
C VAL C 19 -11.98 -25.20 -6.37
N GLU C 20 -12.70 -26.19 -6.89
CA GLU C 20 -12.11 -27.51 -7.07
C GLU C 20 -10.97 -27.49 -8.10
N HIS C 21 -10.86 -26.42 -8.87
CA HIS C 21 -9.74 -26.28 -9.81
C HIS C 21 -8.55 -25.53 -9.23
N GLY C 22 -8.67 -25.10 -7.98
CA GLY C 22 -7.57 -24.45 -7.28
C GLY C 22 -6.24 -25.21 -7.33
N PRO C 23 -6.26 -26.51 -7.00
CA PRO C 23 -4.98 -27.23 -7.01
C PRO C 23 -4.28 -27.26 -8.37
N ALA C 24 -5.03 -27.46 -9.45
CA ALA C 24 -4.40 -27.51 -10.77
C ALA C 24 -3.83 -26.14 -11.14
N ALA C 25 -4.56 -25.08 -10.79
CA ALA C 25 -4.10 -23.71 -11.08
C ALA C 25 -2.80 -23.43 -10.35
N ILE C 26 -2.75 -23.81 -9.08
CA ILE C 26 -1.53 -23.62 -8.31
C ILE C 26 -0.36 -24.42 -8.89
N ARG C 27 -0.59 -25.68 -9.26
CA ARG C 27 0.46 -26.47 -9.90
C ARG C 27 0.93 -25.81 -11.20
N GLU C 28 -0.01 -25.39 -12.03
CA GLU C 28 0.30 -24.72 -13.29
C GLU C 28 1.15 -23.46 -13.09
N ALA C 29 1.00 -22.80 -11.94
CA ALA C 29 1.82 -21.63 -11.63
C ALA C 29 3.23 -22.01 -11.20
N GLY C 30 3.60 -23.29 -11.30
CA GLY C 30 4.98 -23.69 -11.06
C GLY C 30 5.34 -24.08 -9.64
N LEU C 31 4.37 -24.53 -8.84
CA LEU C 31 4.64 -24.87 -7.44
C LEU C 31 5.79 -25.85 -7.25
N MET C 32 5.75 -26.96 -8.00
CA MET C 32 6.71 -28.03 -7.79
C MET C 32 8.15 -27.59 -8.06
N LYS C 33 8.36 -26.89 -9.18
CA LYS C 33 9.69 -26.37 -9.51
CA LYS C 33 9.70 -26.39 -9.49
C LYS C 33 10.19 -25.39 -8.45
N ARG C 34 9.30 -24.54 -7.95
CA ARG C 34 9.68 -23.58 -6.91
C ARG C 34 10.12 -24.29 -5.63
N LEU C 35 9.37 -25.32 -5.24
CA LEU C 35 9.71 -26.09 -4.06
C LEU C 35 11.02 -26.85 -4.24
N SER C 36 11.21 -27.48 -5.40
CA SER C 36 12.46 -28.19 -5.70
CA SER C 36 12.45 -28.18 -5.70
C SER C 36 13.66 -27.28 -5.57
N SER C 37 13.54 -26.07 -6.13
CA SER C 37 14.64 -25.09 -6.15
C SER C 37 15.11 -24.68 -4.77
N LEU C 38 14.24 -24.81 -3.77
CA LEU C 38 14.61 -24.45 -2.40
C LEU C 38 15.24 -25.63 -1.69
N GLY C 39 15.43 -26.74 -2.41
CA GLY C 39 16.02 -27.93 -1.83
C GLY C 39 15.02 -28.95 -1.29
N CYS C 40 13.73 -28.69 -1.48
CA CYS C 40 12.70 -29.62 -1.01
C CYS C 40 12.67 -30.93 -1.78
N HIS C 41 12.84 -32.03 -1.06
CA HIS C 41 12.58 -33.37 -1.61
C HIS C 41 11.08 -33.56 -1.65
N LEU C 42 10.54 -33.84 -2.82
CA LEU C 42 9.10 -33.81 -2.98
C LEU C 42 8.44 -35.19 -3.17
N LYS C 43 7.31 -35.37 -2.51
CA LYS C 43 6.44 -36.50 -2.82
C LYS C 43 5.09 -35.91 -3.23
N ASP C 44 4.70 -36.20 -4.46
CA ASP C 44 3.43 -35.70 -4.98
C ASP C 44 2.36 -36.79 -4.84
N PHE C 45 1.32 -36.49 -4.06
CA PHE C 45 0.21 -37.42 -3.90
C PHE C 45 -0.82 -37.20 -4.99
N GLY C 46 -0.54 -36.25 -5.88
CA GLY C 46 -1.49 -35.88 -6.92
C GLY C 46 -2.73 -35.26 -6.32
N ASP C 47 -3.79 -35.16 -7.14
CA ASP C 47 -5.07 -34.69 -6.64
C ASP C 47 -5.95 -35.85 -6.20
N LEU C 48 -6.30 -35.87 -4.91
CA LEU C 48 -7.15 -36.93 -4.39
C LEU C 48 -8.52 -36.91 -5.08
N SER C 49 -9.11 -38.09 -5.28
CA SER C 49 -10.52 -38.16 -5.68
C SER C 49 -11.32 -38.64 -4.50
N PHE C 50 -12.24 -37.81 -4.04
CA PHE C 50 -12.99 -38.11 -2.84
C PHE C 50 -14.24 -38.94 -3.14
N THR C 51 -14.52 -39.88 -2.25
CA THR C 51 -15.67 -40.76 -2.40
C THR C 51 -16.95 -39.95 -2.27
N PRO C 52 -17.81 -40.03 -3.29
CA PRO C 52 -19.07 -39.26 -3.24
C PRO C 52 -20.05 -39.92 -2.28
N VAL C 53 -20.97 -39.13 -1.73
CA VAL C 53 -22.04 -39.67 -0.90
C VAL C 53 -23.39 -39.45 -1.59
N PRO C 54 -24.10 -40.54 -1.88
CA PRO C 54 -25.41 -40.47 -2.52
C PRO C 54 -26.43 -39.77 -1.61
N LYS C 55 -27.35 -39.00 -2.20
CA LYS C 55 -28.45 -38.41 -1.45
C LYS C 55 -27.96 -37.59 -0.24
N ASP C 56 -26.89 -36.83 -0.45
CA ASP C 56 -26.35 -36.01 0.64
C ASP C 56 -27.24 -34.79 0.87
N ASP C 57 -28.41 -35.05 1.49
CA ASP C 57 -29.41 -34.00 1.74
C ASP C 57 -28.92 -32.98 2.77
N LEU C 58 -29.48 -31.77 2.68
CA LEU C 58 -29.22 -30.73 3.67
C LEU C 58 -29.39 -31.25 5.09
N TYR C 59 -28.49 -30.85 5.97
CA TYR C 59 -28.69 -31.12 7.39
C TYR C 59 -29.45 -29.94 8.01
N ASN C 60 -30.53 -30.27 8.70
CA ASN C 60 -31.35 -29.27 9.37
C ASN C 60 -31.87 -28.17 8.43
N ASN C 61 -32.20 -28.56 7.19
CA ASN C 61 -32.71 -27.61 6.19
C ASN C 61 -31.81 -26.38 5.97
N LEU C 62 -30.51 -26.54 6.16
CA LEU C 62 -29.60 -25.40 6.08
C LEU C 62 -28.19 -25.78 5.62
N ILE C 63 -27.62 -26.78 6.26
CA ILE C 63 -26.21 -27.07 6.08
C ILE C 63 -25.97 -28.02 4.90
N VAL C 64 -25.10 -27.54 4.01
CA VAL C 64 -24.97 -28.09 2.66
C VAL C 64 -23.91 -29.18 2.57
N ASN C 65 -24.23 -30.26 1.85
CA ASN C 65 -23.31 -31.38 1.60
C ASN C 65 -22.57 -31.93 2.84
N PRO C 66 -23.27 -32.14 3.96
CA PRO C 66 -22.51 -32.48 5.18
C PRO C 66 -21.78 -33.82 5.10
N ARG C 67 -22.42 -34.84 4.54
CA ARG C 67 -21.79 -36.16 4.52
C ARG C 67 -20.59 -36.17 3.57
N SER C 68 -20.72 -35.42 2.47
CA SER C 68 -19.67 -35.34 1.48
C SER C 68 -18.46 -34.64 2.08
N VAL C 69 -18.72 -33.56 2.82
CA VAL C 69 -17.64 -32.83 3.49
C VAL C 69 -17.03 -33.66 4.63
N GLY C 70 -17.88 -34.36 5.37
CA GLY C 70 -17.42 -35.27 6.41
C GLY C 70 -16.51 -36.36 5.86
N LEU C 71 -16.97 -37.03 4.81
CA LEU C 71 -16.22 -38.17 4.26
C LEU C 71 -14.94 -37.75 3.56
N ALA C 72 -15.01 -36.70 2.74
CA ALA C 72 -13.83 -36.20 2.05
C ALA C 72 -12.76 -35.86 3.09
N ASN C 73 -13.18 -35.19 4.18
CA ASN C 73 -12.22 -34.83 5.21
C ASN C 73 -11.60 -36.03 5.96
N GLN C 74 -12.40 -37.06 6.19
CA GLN C 74 -11.89 -38.29 6.82
C GLN C 74 -10.81 -38.91 5.93
N GLU C 75 -11.10 -38.96 4.64
CA GLU C 75 -10.15 -39.51 3.69
C GLU C 75 -8.90 -38.64 3.62
N LEU C 76 -9.09 -37.33 3.56
CA LEU C 76 -7.95 -36.40 3.58
C LEU C 76 -7.12 -36.58 4.86
N ALA C 77 -7.78 -36.64 6.00
CA ALA C 77 -7.09 -36.77 7.28
C ALA C 77 -6.19 -38.00 7.30
N GLU C 78 -6.63 -39.07 6.64
CA GLU C 78 -5.87 -40.30 6.59
C GLU C 78 -4.59 -40.08 5.78
N VAL C 79 -4.72 -39.37 4.66
CA VAL C 79 -3.56 -39.10 3.81
C VAL C 79 -2.56 -38.17 4.50
N VAL C 80 -3.07 -37.13 5.16
CA VAL C 80 -2.21 -36.20 5.87
C VAL C 80 -1.47 -36.90 7.02
N SER C 81 -2.21 -37.66 7.83
CA SER C 81 -1.64 -38.45 8.91
C SER C 81 -0.52 -39.35 8.40
N ARG C 82 -0.76 -40.05 7.30
CA ARG C 82 0.24 -40.98 6.76
C ARG C 82 1.50 -40.26 6.28
N ALA C 83 1.33 -39.14 5.58
CA ALA C 83 2.46 -38.38 5.08
C ALA C 83 3.30 -37.79 6.22
N VAL C 84 2.62 -37.23 7.24
CA VAL C 84 3.32 -36.67 8.39
C VAL C 84 4.07 -37.77 9.14
N SER C 85 3.42 -38.92 9.27
CA SER C 85 4.03 -40.08 9.88
C SER C 85 5.32 -40.49 9.15
N ASP C 86 5.31 -40.41 7.83
CA ASP C 86 6.47 -40.76 7.02
C ASP C 86 7.52 -39.65 6.94
N GLY C 87 7.38 -38.62 7.76
CA GLY C 87 8.38 -37.57 7.85
C GLY C 87 8.23 -36.39 6.92
N TYR C 88 7.07 -36.25 6.29
CA TYR C 88 6.86 -35.10 5.40
C TYR C 88 6.19 -33.92 6.08
N SER C 89 6.67 -32.73 5.75
CA SER C 89 5.90 -31.51 5.92
C SER C 89 4.83 -31.57 4.85
N CYS C 90 3.58 -31.33 5.23
CA CYS C 90 2.46 -31.57 4.34
CA CYS C 90 2.43 -31.56 4.33
C CYS C 90 1.84 -30.29 3.77
N VAL C 91 1.94 -30.12 2.45
CA VAL C 91 1.27 -29.01 1.78
C VAL C 91 -0.03 -29.51 1.16
N THR C 92 -1.16 -28.96 1.62
CA THR C 92 -2.45 -29.32 1.03
C THR C 92 -3.02 -28.16 0.24
N LEU C 93 -3.27 -28.40 -1.05
CA LEU C 93 -3.84 -27.37 -1.93
C LEU C 93 -5.35 -27.58 -2.01
N GLY C 94 -6.11 -26.51 -1.77
CA GLY C 94 -7.56 -26.59 -1.91
C GLY C 94 -8.00 -25.93 -3.20
N GLY C 95 -9.30 -25.90 -3.47
CA GLY C 95 -10.29 -26.44 -2.54
C GLY C 95 -10.71 -25.44 -1.48
N ASP C 96 -11.94 -25.58 -0.97
CA ASP C 96 -12.45 -24.62 0.02
C ASP C 96 -11.92 -24.95 1.41
N HIS C 97 -12.06 -24.02 2.34
CA HIS C 97 -11.43 -24.14 3.65
C HIS C 97 -12.02 -25.23 4.56
N SER C 98 -13.11 -25.87 4.16
CA SER C 98 -13.65 -26.96 4.99
C SER C 98 -12.67 -28.12 5.12
N LEU C 99 -11.70 -28.18 4.23
CA LEU C 99 -10.76 -29.29 4.26
C LEU C 99 -9.69 -29.15 5.37
N ALA C 100 -9.64 -28.00 6.03
CA ALA C 100 -8.77 -27.84 7.20
C ALA C 100 -9.22 -28.79 8.29
N ILE C 101 -10.52 -29.10 8.31
CA ILE C 101 -11.02 -30.12 9.24
C ILE C 101 -10.19 -31.39 9.07
N GLY C 102 -10.00 -31.79 7.81
CA GLY C 102 -9.21 -32.97 7.49
C GLY C 102 -7.71 -32.85 7.73
N THR C 103 -7.12 -31.73 7.30
CA THR C 103 -5.66 -31.60 7.42
C THR C 103 -5.24 -31.43 8.88
N ILE C 104 -5.99 -30.63 9.63
CA ILE C 104 -5.66 -30.44 11.03
C ILE C 104 -5.87 -31.71 11.86
N SER C 105 -6.95 -32.46 11.60
CA SER C 105 -7.20 -33.73 12.27
C SER C 105 -6.08 -34.73 11.97
N GLY C 106 -5.77 -34.87 10.69
CA GLY C 106 -4.73 -35.79 10.25
C GLY C 106 -3.41 -35.44 10.89
N HIS C 107 -3.09 -34.15 10.89
CA HIS C 107 -1.84 -33.63 11.43
C HIS C 107 -1.78 -33.88 12.95
N ALA C 108 -2.89 -33.62 13.63
CA ALA C 108 -2.96 -33.74 15.09
C ALA C 108 -2.79 -35.17 15.58
N ARG C 109 -3.12 -36.14 14.73
CA ARG C 109 -3.02 -37.55 15.07
C ARG C 109 -1.61 -37.94 15.52
N HIS C 110 -0.60 -37.46 14.81
CA HIS C 110 0.79 -37.78 15.16
C HIS C 110 1.51 -36.65 15.88
N CYS C 111 0.96 -35.44 15.78
CA CYS C 111 1.52 -34.29 16.48
C CYS C 111 0.42 -33.60 17.27
N PRO C 112 0.05 -34.18 18.42
CA PRO C 112 -1.07 -33.66 19.24
C PRO C 112 -0.78 -32.31 19.91
N ASP C 113 0.49 -31.94 20.04
CA ASP C 113 0.81 -30.62 20.61
C ASP C 113 0.97 -29.56 19.50
N LEU C 114 0.39 -29.79 18.34
CA LEU C 114 0.50 -28.81 17.26
C LEU C 114 -0.22 -27.51 17.61
N CYS C 115 0.24 -26.40 17.04
CA CYS C 115 -0.51 -25.16 17.15
C CYS C 115 -0.88 -24.71 15.74
N VAL C 116 -1.82 -23.78 15.64
CA VAL C 116 -2.38 -23.39 14.36
C VAL C 116 -2.30 -21.89 14.13
N VAL C 117 -1.72 -21.50 12.99
CA VAL C 117 -1.78 -20.11 12.56
C VAL C 117 -2.77 -20.03 11.40
N TRP C 118 -3.87 -19.31 11.63
CA TRP C 118 -4.98 -19.25 10.68
C TRP C 118 -4.98 -17.87 10.03
N VAL C 119 -4.51 -17.80 8.79
CA VAL C 119 -4.38 -16.52 8.07
C VAL C 119 -5.55 -16.38 7.12
N ASP C 120 -6.40 -15.38 7.36
CA ASP C 120 -7.73 -15.40 6.74
C ASP C 120 -8.43 -14.07 6.99
N ALA C 121 -9.26 -13.64 6.04
CA ALA C 121 -10.10 -12.47 6.24
C ALA C 121 -11.23 -12.80 7.24
N HIS C 122 -11.47 -14.10 7.42
CA HIS C 122 -12.62 -14.62 8.17
C HIS C 122 -12.18 -15.54 9.30
N ALA C 123 -13.06 -15.70 10.28
CA ALA C 123 -12.74 -16.51 11.45
C ALA C 123 -13.05 -18.00 11.26
N ASP C 124 -13.95 -18.32 10.33
CA ASP C 124 -14.27 -19.71 9.99
C ASP C 124 -14.65 -20.54 11.23
N ILE C 125 -15.31 -19.91 12.19
CA ILE C 125 -15.57 -20.55 13.48
C ILE C 125 -17.06 -20.53 13.82
N ASN C 126 -17.90 -20.29 12.82
CA ASN C 126 -19.33 -20.48 13.01
C ASN C 126 -19.56 -21.94 13.34
N THR C 127 -20.64 -22.24 14.07
CA THR C 127 -21.00 -23.63 14.34
C THR C 127 -22.23 -23.94 13.52
N PRO C 128 -22.64 -25.22 13.48
CA PRO C 128 -23.91 -25.50 12.80
C PRO C 128 -25.10 -24.72 13.38
N LEU C 129 -24.97 -24.23 14.60
CA LEU C 129 -26.05 -23.45 15.20
C LEU C 129 -25.92 -21.94 14.94
N THR C 130 -24.77 -21.48 14.47
CA THR C 130 -24.61 -20.04 14.23
C THR C 130 -24.47 -19.66 12.76
N THR C 131 -24.11 -20.61 11.89
CA THR C 131 -23.94 -20.29 10.48
C THR C 131 -25.22 -19.71 9.89
N SER C 132 -25.09 -18.70 9.03
CA SER C 132 -26.26 -18.12 8.38
C SER C 132 -26.25 -18.44 6.89
N SER C 133 -25.21 -19.16 6.46
CA SER C 133 -25.07 -19.52 5.06
C SER C 133 -25.32 -21.01 4.89
N GLY C 134 -24.91 -21.80 5.89
CA GLY C 134 -24.97 -23.24 5.78
C GLY C 134 -23.74 -23.83 5.12
N ASN C 135 -22.77 -22.97 4.82
CA ASN C 135 -21.56 -23.42 4.14
C ASN C 135 -20.50 -23.85 5.15
N LEU C 136 -20.06 -25.10 5.04
CA LEU C 136 -19.12 -25.64 6.00
C LEU C 136 -17.73 -24.99 5.98
N HIS C 137 -17.34 -24.36 4.87
CA HIS C 137 -16.01 -23.71 4.82
C HIS C 137 -15.91 -22.53 5.78
N GLY C 138 -17.05 -22.12 6.34
CA GLY C 138 -17.09 -21.03 7.30
C GLY C 138 -17.30 -21.56 8.71
N GLN C 139 -17.22 -22.87 8.87
CA GLN C 139 -17.32 -23.50 10.18
C GLN C 139 -16.17 -24.43 10.64
N PRO C 140 -15.07 -24.56 9.85
CA PRO C 140 -14.21 -25.70 10.20
C PRO C 140 -13.59 -25.63 11.62
N VAL C 141 -13.32 -24.45 12.14
CA VAL C 141 -12.65 -24.34 13.44
C VAL C 141 -13.54 -24.85 14.57
N SER C 142 -14.86 -24.69 14.41
CA SER C 142 -15.82 -25.09 15.43
C SER C 142 -15.76 -26.59 15.72
N PHE C 143 -15.41 -27.38 14.70
CA PHE C 143 -15.29 -28.83 14.85
C PHE C 143 -13.96 -29.26 15.44
N LEU C 144 -12.97 -28.37 15.40
CA LEU C 144 -11.61 -28.71 15.82
C LEU C 144 -11.35 -28.27 17.27
N LEU C 145 -12.15 -27.30 17.73
CA LEU C 145 -11.89 -26.59 18.98
C LEU C 145 -12.45 -27.32 20.21
N ARG C 146 -11.57 -27.81 21.07
CA ARG C 146 -11.99 -28.56 22.26
C ARG C 146 -13.06 -27.85 23.09
N GLU C 147 -12.84 -26.57 23.36
CA GLU C 147 -13.71 -25.80 24.24
C GLU C 147 -15.13 -25.65 23.69
N LEU C 148 -15.30 -25.81 22.39
CA LEU C 148 -16.61 -25.58 21.76
C LEU C 148 -17.47 -26.83 21.68
N GLN C 149 -16.91 -27.99 21.97
CA GLN C 149 -17.58 -29.25 21.60
C GLN C 149 -18.98 -29.47 22.19
N ASP C 150 -19.29 -28.80 23.31
CA ASP C 150 -20.63 -28.90 23.89
C ASP C 150 -21.66 -28.07 23.13
N LYS C 151 -21.20 -27.15 22.30
CA LYS C 151 -22.10 -26.26 21.57
C LYS C 151 -22.18 -26.61 20.07
N VAL C 152 -21.52 -27.70 19.69
CA VAL C 152 -21.50 -28.12 18.29
C VAL C 152 -22.22 -29.45 18.09
N PRO C 153 -23.39 -29.43 17.42
CA PRO C 153 -24.19 -30.64 17.19
C PRO C 153 -23.43 -31.65 16.34
N GLN C 154 -23.84 -32.91 16.43
CA GLN C 154 -23.24 -33.99 15.66
C GLN C 154 -23.84 -34.04 14.24
N LEU C 155 -23.01 -33.84 13.23
CA LEU C 155 -23.44 -33.84 11.84
C LEU C 155 -23.27 -35.24 11.21
N PRO C 156 -24.17 -35.59 10.26
CA PRO C 156 -23.96 -36.83 9.53
C PRO C 156 -22.63 -36.77 8.78
N GLY C 157 -21.82 -37.80 8.93
CA GLY C 157 -20.53 -37.86 8.28
C GLY C 157 -19.39 -37.31 9.13
N PHE C 158 -19.73 -36.79 10.31
CA PHE C 158 -18.75 -36.11 11.15
C PHE C 158 -18.34 -36.86 12.42
N SER C 159 -18.84 -38.08 12.61
CA SER C 159 -18.65 -38.77 13.90
C SER C 159 -17.21 -39.19 14.17
N TRP C 160 -16.43 -39.35 13.10
CA TRP C 160 -15.02 -39.73 13.20
C TRP C 160 -14.15 -38.60 13.77
N ILE C 161 -14.68 -37.39 13.82
CA ILE C 161 -13.87 -36.24 14.21
C ILE C 161 -13.74 -36.07 15.71
N LYS C 162 -12.51 -36.04 16.20
CA LYS C 162 -12.25 -35.71 17.59
C LYS C 162 -11.55 -34.36 17.67
N PRO C 163 -12.17 -33.39 18.34
CA PRO C 163 -11.56 -32.06 18.53
C PRO C 163 -10.16 -32.18 19.12
N CYS C 164 -9.20 -31.44 18.55
CA CYS C 164 -7.79 -31.65 18.86
C CYS C 164 -7.04 -30.34 19.11
N ILE C 165 -7.75 -29.23 19.05
CA ILE C 165 -7.14 -27.93 19.27
C ILE C 165 -7.78 -27.27 20.46
N SER C 166 -6.97 -26.73 21.36
CA SER C 166 -7.49 -25.89 22.43
C SER C 166 -7.44 -24.43 21.98
N SER C 167 -8.31 -23.62 22.57
CA SER C 167 -8.48 -22.25 22.16
C SER C 167 -7.21 -21.39 22.33
N ALA C 168 -6.32 -21.81 23.23
CA ALA C 168 -5.07 -21.09 23.41
C ALA C 168 -4.07 -21.46 22.31
N SER C 169 -4.42 -22.47 21.51
CA SER C 169 -3.48 -23.03 20.55
C SER C 169 -3.73 -22.63 19.08
N ILE C 170 -4.62 -21.66 18.86
CA ILE C 170 -4.84 -21.13 17.52
C ILE C 170 -4.78 -19.60 17.55
N VAL C 171 -4.07 -19.02 16.60
CA VAL C 171 -4.03 -17.56 16.47
C VAL C 171 -4.43 -17.15 15.06
N TYR C 172 -5.34 -16.19 14.95
CA TYR C 172 -5.76 -15.68 13.64
C TYR C 172 -4.96 -14.44 13.25
N ILE C 173 -4.73 -14.31 11.94
CA ILE C 173 -4.12 -13.10 11.40
C ILE C 173 -4.87 -12.66 10.14
N GLY C 174 -5.38 -11.43 10.17
CA GLY C 174 -5.93 -10.79 8.99
C GLY C 174 -7.43 -10.59 9.01
N LEU C 175 -8.07 -10.91 10.13
CA LEU C 175 -9.53 -10.85 10.24
C LEU C 175 -10.08 -9.48 9.88
N ARG C 176 -11.17 -9.48 9.13
CA ARG C 176 -11.85 -8.24 8.78
C ARG C 176 -13.32 -8.42 8.38
N ASP C 177 -13.80 -9.67 8.37
CA ASP C 177 -15.19 -9.94 8.03
C ASP C 177 -15.69 -11.04 8.97
N VAL C 178 -16.06 -10.64 10.17
CA VAL C 178 -16.39 -11.60 11.23
C VAL C 178 -17.88 -11.51 11.56
N ASP C 179 -18.58 -12.65 11.60
CA ASP C 179 -20.00 -12.64 11.97
C ASP C 179 -20.11 -12.44 13.49
N PRO C 180 -21.17 -11.76 13.95
CA PRO C 180 -21.30 -11.51 15.39
C PRO C 180 -21.22 -12.76 16.26
N PRO C 181 -21.87 -13.89 15.88
CA PRO C 181 -21.69 -15.07 16.73
C PRO C 181 -20.23 -15.53 16.78
N GLU C 182 -19.48 -15.31 15.70
CA GLU C 182 -18.07 -15.66 15.68
C GLU C 182 -17.31 -14.74 16.63
N HIS C 183 -17.63 -13.46 16.57
CA HIS C 183 -16.99 -12.50 17.47
C HIS C 183 -17.25 -12.89 18.92
N PHE C 184 -18.50 -13.24 19.22
CA PHE C 184 -18.86 -13.70 20.55
C PHE C 184 -18.00 -14.90 20.94
N ILE C 185 -17.87 -15.85 20.03
CA ILE C 185 -17.07 -17.03 20.29
C ILE C 185 -15.62 -16.67 20.60
N LEU C 186 -15.04 -15.78 19.81
CA LEU C 186 -13.64 -15.42 19.96
C LEU C 186 -13.37 -14.79 21.33
N LYS C 187 -14.23 -13.84 21.73
CA LYS C 187 -14.13 -13.22 23.04
C LYS C 187 -14.44 -14.19 24.17
N ASN C 188 -15.51 -14.96 24.04
CA ASN C 188 -15.94 -15.86 25.11
C ASN C 188 -14.92 -16.96 25.43
N TYR C 189 -14.19 -17.43 24.42
CA TYR C 189 -13.20 -18.48 24.65
C TYR C 189 -11.78 -17.90 24.70
N ASP C 190 -11.70 -16.56 24.65
CA ASP C 190 -10.44 -15.85 24.70
C ASP C 190 -9.46 -16.36 23.62
N ILE C 191 -9.98 -16.55 22.41
CA ILE C 191 -9.14 -16.95 21.28
C ILE C 191 -8.41 -15.72 20.75
N GLN C 192 -7.08 -15.79 20.66
CA GLN C 192 -6.29 -14.63 20.28
C GLN C 192 -6.29 -14.38 18.78
N TYR C 193 -6.41 -13.12 18.38
CA TYR C 193 -6.39 -12.79 16.95
C TYR C 193 -5.80 -11.43 16.68
N PHE C 194 -5.29 -11.27 15.46
CA PHE C 194 -4.80 -9.98 15.02
C PHE C 194 -5.58 -9.60 13.78
N SER C 195 -6.53 -8.69 13.94
CA SER C 195 -7.37 -8.23 12.85
C SER C 195 -6.54 -7.33 11.94
N MET C 196 -7.10 -6.94 10.79
CA MET C 196 -6.41 -5.96 9.94
C MET C 196 -6.14 -4.69 10.73
N ARG C 197 -7.07 -4.36 11.63
CA ARG C 197 -6.93 -3.20 12.51
C ARG C 197 -5.70 -3.33 13.40
N ASP C 198 -5.51 -4.50 14.01
CA ASP C 198 -4.31 -4.76 14.82
C ASP C 198 -3.02 -4.65 13.99
N ILE C 199 -3.06 -5.12 12.75
CA ILE C 199 -1.90 -5.00 11.88
C ILE C 199 -1.61 -3.53 11.56
N ASP C 200 -2.67 -2.74 11.34
CA ASP C 200 -2.52 -1.31 11.07
C ASP C 200 -1.80 -0.63 12.23
N ARG C 201 -2.07 -1.12 13.43
CA ARG C 201 -1.54 -0.54 14.66
C ARG C 201 -0.14 -1.08 14.93
N LEU C 202 0.00 -2.40 14.96
CA LEU C 202 1.23 -3.02 15.42
C LEU C 202 2.29 -3.13 14.33
N GLY C 203 1.86 -3.27 13.08
CA GLY C 203 2.77 -3.66 12.00
C GLY C 203 2.95 -5.17 12.04
N ILE C 204 3.17 -5.77 10.88
CA ILE C 204 3.24 -7.23 10.76
C ILE C 204 4.42 -7.88 11.53
N GLN C 205 5.51 -7.16 11.74
CA GLN C 205 6.63 -7.73 12.51
C GLN C 205 6.22 -8.02 13.95
N LYS C 206 5.64 -7.01 14.60
CA LYS C 206 5.12 -7.20 15.95
C LYS C 206 4.03 -8.28 16.00
N VAL C 207 3.13 -8.29 15.01
CA VAL C 207 2.09 -9.32 14.95
C VAL C 207 2.70 -10.73 14.96
N MET C 208 3.74 -10.96 14.17
CA MET C 208 4.32 -12.30 14.12
C MET C 208 5.05 -12.66 15.43
N GLU C 209 5.78 -11.69 16.00
CA GLU C 209 6.45 -11.87 17.28
C GLU C 209 5.48 -12.31 18.37
N ARG C 210 4.37 -11.60 18.47
CA ARG C 210 3.37 -11.91 19.49
C ARG C 210 2.65 -13.21 19.21
N THR C 211 2.39 -13.49 17.94
CA THR C 211 1.80 -14.76 17.54
C THR C 211 2.64 -15.91 18.08
N PHE C 212 3.94 -15.86 17.82
CA PHE C 212 4.80 -16.94 18.25
C PHE C 212 5.01 -16.97 19.75
N ASP C 213 5.00 -15.81 20.38
CA ASP C 213 5.11 -15.79 21.83
C ASP C 213 3.92 -16.54 22.44
N LEU C 214 2.72 -16.28 21.90
CA LEU C 214 1.50 -16.98 22.34
C LEU C 214 1.54 -18.49 22.10
N LEU C 215 2.11 -18.90 20.97
CA LEU C 215 1.99 -20.31 20.58
C LEU C 215 3.19 -21.13 21.03
N ILE C 216 4.38 -20.59 20.85
CA ILE C 216 5.61 -21.33 21.13
C ILE C 216 6.58 -20.60 22.05
N GLY C 217 6.08 -19.59 22.76
CA GLY C 217 6.92 -18.86 23.71
C GLY C 217 7.44 -19.72 24.85
N LYS C 218 6.70 -20.77 25.22
CA LYS C 218 7.12 -21.66 26.30
C LYS C 218 7.80 -22.95 25.81
N ARG C 219 7.40 -23.43 24.63
CA ARG C 219 7.95 -24.69 24.12
C ARG C 219 7.84 -24.76 22.61
N GLN C 220 8.72 -25.56 21.99
CA GLN C 220 8.64 -25.78 20.55
C GLN C 220 7.46 -26.68 20.24
N ARG C 221 6.68 -26.31 19.22
CA ARG C 221 5.53 -27.09 18.80
C ARG C 221 5.48 -27.15 17.28
N PRO C 222 5.01 -28.28 16.74
CA PRO C 222 4.80 -28.29 15.28
C PRO C 222 3.72 -27.30 14.89
N ILE C 223 4.00 -26.51 13.86
CA ILE C 223 3.10 -25.46 13.43
C ILE C 223 2.26 -25.89 12.23
N HIS C 224 0.96 -25.65 12.33
CA HIS C 224 0.08 -25.83 11.19
C HIS C 224 -0.35 -24.46 10.68
N LEU C 225 0.05 -24.13 9.45
CA LEU C 225 -0.34 -22.86 8.83
C LEU C 225 -1.53 -23.06 7.89
N SER C 226 -2.68 -22.52 8.26
CA SER C 226 -3.83 -22.64 7.38
C SER C 226 -4.10 -21.30 6.71
N PHE C 227 -3.77 -21.21 5.42
CA PHE C 227 -3.75 -19.91 4.76
C PHE C 227 -4.86 -19.82 3.72
N ASP C 228 -5.87 -18.99 4.02
CA ASP C 228 -6.94 -18.71 3.09
C ASP C 228 -6.46 -17.56 2.20
N ILE C 229 -6.46 -17.77 0.89
CA ILE C 229 -5.89 -16.79 -0.04
C ILE C 229 -6.62 -15.46 0.08
N ASP C 230 -7.87 -15.49 0.54
CA ASP C 230 -8.63 -14.25 0.73
C ASP C 230 -8.14 -13.37 1.90
N ALA C 231 -7.13 -13.84 2.63
CA ALA C 231 -6.47 -12.96 3.60
C ALA C 231 -5.91 -11.75 2.85
N PHE C 232 -5.40 -11.99 1.65
CA PHE C 232 -4.82 -10.93 0.83
C PHE C 232 -5.89 -9.99 0.31
N ASP C 233 -5.53 -8.73 0.13
CA ASP C 233 -6.44 -7.79 -0.49
C ASP C 233 -6.93 -8.30 -1.87
N PRO C 234 -8.22 -8.09 -2.18
CA PRO C 234 -8.78 -8.57 -3.46
C PRO C 234 -8.06 -8.07 -4.70
N THR C 235 -7.35 -6.94 -4.61
CA THR C 235 -6.59 -6.47 -5.76
C THR C 235 -5.47 -7.44 -6.10
N LEU C 236 -4.98 -8.16 -5.09
CA LEU C 236 -3.87 -9.10 -5.24
C LEU C 236 -4.36 -10.54 -5.46
N ALA C 237 -5.48 -10.88 -4.84
CA ALA C 237 -6.02 -12.24 -4.96
C ALA C 237 -7.49 -12.17 -5.32
N PRO C 238 -7.81 -11.74 -6.55
CA PRO C 238 -9.22 -11.57 -6.91
C PRO C 238 -9.95 -12.90 -7.14
N ALA C 239 -9.22 -13.97 -7.47
CA ALA C 239 -9.87 -15.23 -7.82
C ALA C 239 -10.19 -16.08 -6.57
N THR C 240 -11.25 -15.70 -5.87
CA THR C 240 -11.60 -16.33 -4.60
C THR C 240 -13.07 -15.99 -4.29
N GLY C 241 -13.70 -16.83 -3.48
CA GLY C 241 -15.15 -16.79 -3.33
C GLY C 241 -15.75 -15.72 -2.46
N THR C 242 -15.03 -15.31 -1.42
CA THR C 242 -15.53 -14.29 -0.50
CA THR C 242 -15.54 -14.29 -0.51
C THR C 242 -14.50 -13.19 -0.29
N PRO C 243 -14.24 -12.39 -1.34
CA PRO C 243 -13.21 -11.35 -1.21
C PRO C 243 -13.66 -10.20 -0.31
N VAL C 244 -12.74 -9.66 0.49
CA VAL C 244 -13.05 -8.52 1.35
C VAL C 244 -11.97 -7.44 1.23
N VAL C 245 -12.37 -6.21 0.88
CA VAL C 245 -11.42 -5.12 0.72
C VAL C 245 -10.63 -4.84 2.00
N GLY C 246 -9.41 -4.31 1.84
CA GLY C 246 -8.63 -3.90 2.98
C GLY C 246 -7.85 -5.05 3.59
N GLY C 247 -7.27 -5.89 2.74
CA GLY C 247 -6.56 -7.04 3.21
C GLY C 247 -5.05 -6.89 3.32
N LEU C 248 -4.38 -8.02 3.50
CA LEU C 248 -2.92 -8.06 3.54
C LEU C 248 -2.33 -7.55 2.23
N THR C 249 -1.21 -6.84 2.32
CA THR C 249 -0.45 -6.51 1.12
C THR C 249 0.40 -7.74 0.76
N TYR C 250 1.00 -7.70 -0.41
CA TYR C 250 1.92 -8.74 -0.86
C TYR C 250 3.06 -8.88 0.13
N ARG C 251 3.65 -7.74 0.49
CA ARG C 251 4.78 -7.74 1.41
C ARG C 251 4.39 -8.31 2.77
N GLU C 252 3.19 -7.99 3.26
CA GLU C 252 2.77 -8.52 4.56
C GLU C 252 2.62 -10.03 4.48
N GLY C 253 1.99 -10.51 3.41
CA GLY C 253 1.84 -11.94 3.20
C GLY C 253 3.17 -12.67 3.16
N MET C 254 4.13 -12.12 2.42
CA MET C 254 5.46 -12.72 2.37
C MET C 254 6.10 -12.71 3.74
N TYR C 255 5.90 -11.63 4.49
CA TYR C 255 6.55 -11.53 5.79
C TYR C 255 6.03 -12.60 6.74
N ILE C 256 4.72 -12.79 6.77
CA ILE C 256 4.12 -13.86 7.56
C ILE C 256 4.77 -15.19 7.21
N ALA C 257 4.78 -15.50 5.92
CA ALA C 257 5.34 -16.77 5.48
C ALA C 257 6.82 -16.93 5.87
N GLU C 258 7.61 -15.87 5.64
CA GLU C 258 9.03 -15.84 6.03
C GLU C 258 9.19 -16.15 7.51
N GLU C 259 8.34 -15.54 8.33
CA GLU C 259 8.42 -15.78 9.78
C GLU C 259 8.01 -17.21 10.15
N ILE C 260 6.98 -17.73 9.48
CA ILE C 260 6.63 -19.15 9.66
C ILE C 260 7.87 -20.01 9.35
N HIS C 261 8.50 -19.78 8.20
CA HIS C 261 9.68 -20.55 7.84
C HIS C 261 10.80 -20.43 8.88
N ASN C 262 11.02 -19.21 9.36
CA ASN C 262 12.10 -18.95 10.30
C ASN C 262 11.97 -19.67 11.65
N THR C 263 10.76 -20.09 12.01
CA THR C 263 10.59 -20.85 13.26
C THR C 263 11.28 -22.20 13.19
N GLY C 264 11.36 -22.76 11.98
CA GLY C 264 11.87 -24.11 11.78
C GLY C 264 10.85 -25.17 12.15
N LEU C 265 9.62 -24.75 12.46
CA LEU C 265 8.62 -25.65 13.05
C LEU C 265 7.43 -25.94 12.14
N LEU C 266 7.43 -25.38 10.93
CA LEU C 266 6.34 -25.64 9.98
C LEU C 266 6.24 -27.13 9.69
N SER C 267 5.08 -27.71 9.98
CA SER C 267 4.89 -29.14 9.80
C SER C 267 3.79 -29.44 8.77
N ALA C 268 2.86 -28.48 8.60
CA ALA C 268 1.79 -28.62 7.61
C ALA C 268 1.22 -27.26 7.21
N LEU C 269 0.80 -27.16 5.97
CA LEU C 269 0.31 -25.91 5.40
C LEU C 269 -0.87 -26.15 4.48
N ASP C 270 -1.95 -25.38 4.67
CA ASP C 270 -3.08 -25.41 3.74
C ASP C 270 -3.05 -24.11 2.92
N LEU C 271 -3.27 -24.23 1.62
CA LEU C 271 -3.45 -23.06 0.78
C LEU C 271 -4.79 -23.23 0.07
N VAL C 272 -5.81 -22.58 0.60
CA VAL C 272 -7.18 -22.85 0.18
C VAL C 272 -7.86 -21.64 -0.46
N GLU C 273 -8.98 -21.93 -1.16
CA GLU C 273 -9.91 -20.92 -1.67
C GLU C 273 -9.48 -20.19 -2.94
N VAL C 274 -8.46 -20.69 -3.61
CA VAL C 274 -8.19 -20.20 -4.96
C VAL C 274 -9.24 -20.78 -5.92
N ASN C 275 -10.07 -19.91 -6.49
CA ASN C 275 -11.10 -20.32 -7.43
C ASN C 275 -10.84 -19.60 -8.75
N PRO C 276 -10.13 -20.25 -9.67
CA PRO C 276 -9.76 -19.61 -10.94
C PRO C 276 -10.97 -19.17 -11.76
N GLN C 277 -12.12 -19.81 -11.59
CA GLN C 277 -13.32 -19.42 -12.32
C GLN C 277 -13.89 -18.06 -11.92
N LEU C 278 -13.51 -17.55 -10.75
CA LEU C 278 -14.10 -16.28 -10.29
C LEU C 278 -13.32 -15.07 -10.80
N ALA C 279 -12.18 -15.35 -11.45
CA ALA C 279 -11.42 -14.32 -12.12
C ALA C 279 -12.21 -13.76 -13.31
N THR C 280 -12.17 -12.45 -13.50
CA THR C 280 -12.82 -11.85 -14.67
C THR C 280 -11.92 -11.95 -15.90
N SER C 281 -10.67 -12.39 -15.70
CA SER C 281 -9.74 -12.57 -16.80
C SER C 281 -8.74 -13.65 -16.42
N GLU C 282 -8.07 -14.21 -17.42
CA GLU C 282 -7.07 -15.24 -17.17
C GLU C 282 -5.89 -14.65 -16.40
N GLU C 283 -5.62 -13.37 -16.67
CA GLU C 283 -4.57 -12.66 -15.95
C GLU C 283 -4.86 -12.64 -14.45
N GLU C 284 -6.09 -12.29 -14.06
CA GLU C 284 -6.50 -12.30 -12.66
C GLU C 284 -6.39 -13.69 -12.03
N ALA C 285 -6.74 -14.72 -12.80
CA ALA C 285 -6.61 -16.09 -12.34
C ALA C 285 -5.15 -16.43 -12.08
N LYS C 286 -4.30 -16.14 -13.06
CA LYS C 286 -2.88 -16.45 -12.94
C LYS C 286 -2.19 -15.68 -11.81
N THR C 287 -2.51 -14.40 -11.64
CA THR C 287 -1.87 -13.62 -10.59
CA THR C 287 -1.85 -13.64 -10.58
C THR C 287 -2.24 -14.19 -9.21
N THR C 288 -3.48 -14.68 -9.07
CA THR C 288 -3.90 -15.29 -7.80
C THR C 288 -3.13 -16.59 -7.55
N ALA C 289 -3.04 -17.43 -8.59
CA ALA C 289 -2.33 -18.70 -8.50
C ALA C 289 -0.84 -18.48 -8.20
N ASN C 290 -0.26 -17.47 -8.84
CA ASN C 290 1.13 -17.09 -8.61
C ASN C 290 1.37 -16.65 -7.18
N LEU C 291 0.41 -15.88 -6.65
CA LEU C 291 0.51 -15.41 -5.27
C LEU C 291 0.45 -16.60 -4.32
N ALA C 292 -0.44 -17.56 -4.59
CA ALA C 292 -0.48 -18.79 -3.79
C ALA C 292 0.88 -19.50 -3.80
N VAL C 293 1.54 -19.58 -4.96
CA VAL C 293 2.85 -20.24 -5.03
C VAL C 293 3.89 -19.47 -4.22
N ASP C 294 3.91 -18.14 -4.36
CA ASP C 294 4.76 -17.29 -3.51
C ASP C 294 4.62 -17.54 -2.01
N VAL C 295 3.39 -17.68 -1.54
CA VAL C 295 3.17 -17.96 -0.12
C VAL C 295 3.80 -19.28 0.31
N ILE C 296 3.45 -20.33 -0.41
CA ILE C 296 3.96 -21.67 -0.11
C ILE C 296 5.48 -21.69 -0.19
N ALA C 297 6.04 -21.10 -1.24
CA ALA C 297 7.50 -21.07 -1.40
C ALA C 297 8.20 -20.35 -0.24
N SER C 298 7.66 -19.20 0.15
CA SER C 298 8.24 -18.43 1.24
CA SER C 298 8.25 -18.44 1.24
C SER C 298 8.11 -19.17 2.57
N SER C 299 7.02 -19.92 2.72
CA SER C 299 6.82 -20.72 3.92
C SER C 299 7.86 -21.82 4.05
N PHE C 300 8.49 -22.20 2.93
CA PHE C 300 9.54 -23.23 2.95
C PHE C 300 10.92 -22.69 2.64
N GLY C 301 11.09 -21.37 2.74
CA GLY C 301 12.41 -20.80 2.74
C GLY C 301 12.77 -19.82 1.64
N GLN C 302 11.84 -19.55 0.73
CA GLN C 302 12.16 -18.55 -0.28
C GLN C 302 12.31 -17.18 0.38
N THR C 303 13.41 -16.50 0.09
CA THR C 303 13.67 -15.21 0.72
C THR C 303 13.63 -14.09 -0.30
N ARG C 304 13.54 -12.86 0.18
CA ARG C 304 13.63 -11.70 -0.68
C ARG C 304 15.06 -11.15 -0.75
N GLU C 305 16.02 -11.79 -0.10
CA GLU C 305 17.38 -11.25 -0.15
C GLU C 305 18.43 -12.20 -0.75
N GLY C 306 18.01 -13.36 -1.26
CA GLY C 306 18.95 -14.31 -1.83
C GLY C 306 19.61 -15.23 -0.82
#